data_5MGX
#
_entry.id   5MGX
#
_cell.length_a   74.290
_cell.length_b   105.640
_cell.length_c   100.190
_cell.angle_alpha   90.00
_cell.angle_beta   93.10
_cell.angle_gamma   90.00
#
_symmetry.space_group_name_H-M   'P 1 21 1'
#
loop_
_entity.id
_entity.type
_entity.pdbx_description
1 polymer 'yeast HSP90 C-terminus'
2 polymer 'Peptidyl-prolyl cis-trans isomerase FKBP8'
3 water water
#
loop_
_entity_poly.entity_id
_entity_poly.type
_entity_poly.pdbx_seq_one_letter_code
_entity_poly.pdbx_strand_id
1 'polypeptide(L)' DTEMEEVD A,B,C,D
2 'polypeptide(L)'
;EEWLDILGNGLLRKKTLVPGPPGSSRPVKGQVVTVHLQTSLENGTRVQEEPELVFTLGDCDVIQALDLSVPLMDVGETAM
VTADSKYCYGPQGRSPYIPPHAALCLEVTLKTAVDGPDLEMLTGQERVALANRKRECGNAHYQRADFVLAANSYDLAIKA
ITSSAKVDMTFEEEAQLLQLKVKCLNNLAASQLKLDHYRAALRSCSLVLEHQPDNIKALFRKGKVLAQQGEYSEAIPILR
AALKLEPSNKTIHAELSKLVKKHAAQRSTETALYRKMLGNPSRLPAKCPG
;
E,F,G,H
#
# COMPACT_ATOMS: atom_id res chain seq x y z
N ASP A 1 16.86 -54.30 -1.50
CA ASP A 1 15.88 -54.77 -0.52
C ASP A 1 14.76 -53.71 -0.33
N THR A 2 15.10 -52.41 -0.12
CA THR A 2 14.07 -51.35 -0.01
C THR A 2 13.74 -50.81 -1.40
N GLU A 3 12.45 -50.85 -1.76
CA GLU A 3 11.95 -50.32 -3.02
C GLU A 3 11.72 -48.82 -2.88
N MET A 4 12.59 -48.05 -3.51
CA MET A 4 12.49 -46.61 -3.66
C MET A 4 11.39 -46.50 -4.69
N GLU A 5 10.65 -45.40 -4.73
CA GLU A 5 9.47 -45.21 -5.58
C GLU A 5 8.23 -45.71 -4.85
N GLU A 6 8.33 -46.71 -3.94
CA GLU A 6 7.19 -47.17 -3.15
C GLU A 6 6.81 -46.13 -2.11
N VAL A 7 5.52 -46.05 -1.81
CA VAL A 7 4.96 -45.09 -0.89
C VAL A 7 4.49 -45.86 0.37
N ASP A 8 4.57 -45.23 1.57
CA ASP A 8 4.25 -45.88 2.84
C ASP A 8 2.84 -45.54 3.41
N ASP B 1 23.04 20.48 34.01
CA ASP B 1 22.14 19.67 33.19
C ASP B 1 22.66 19.48 31.76
N THR B 2 22.44 18.27 31.20
CA THR B 2 22.87 17.84 29.86
C THR B 2 22.24 18.68 28.74
N GLU B 3 23.12 19.26 27.90
CA GLU B 3 22.75 20.02 26.72
C GLU B 3 22.57 19.04 25.56
N MET B 4 21.32 18.80 25.18
CA MET B 4 20.93 17.84 24.14
C MET B 4 21.43 18.15 22.71
N GLU B 5 21.58 19.42 22.36
CA GLU B 5 22.02 19.79 21.03
C GLU B 5 23.57 19.74 20.93
N GLU B 6 24.25 19.64 22.08
CA GLU B 6 25.71 19.54 22.17
C GLU B 6 26.17 18.18 21.68
N VAL B 7 27.37 18.17 21.12
CA VAL B 7 28.00 17.02 20.50
C VAL B 7 29.19 16.59 21.40
N ASP B 8 29.54 15.29 21.40
CA ASP B 8 30.57 14.72 22.29
C ASP B 8 31.93 14.47 21.60
CA GLU C 3 3.25 35.88 4.35
C GLU C 3 2.47 34.61 4.66
N MET C 4 3.18 33.49 4.69
CA MET C 4 2.69 32.13 4.92
C MET C 4 2.20 31.77 6.35
N GLU C 5 2.76 32.39 7.38
CA GLU C 5 2.40 32.16 8.78
C GLU C 5 1.09 32.95 9.14
N GLU C 6 0.72 33.93 8.31
CA GLU C 6 -0.48 34.74 8.48
C GLU C 6 -1.74 33.93 8.21
N VAL C 7 -2.82 34.28 8.90
CA VAL C 7 -4.11 33.63 8.70
C VAL C 7 -5.09 34.67 8.06
N ASP C 8 -6.10 34.20 7.32
CA ASP C 8 -7.02 35.06 6.56
C ASP C 8 -8.41 35.23 7.22
N GLU D 3 -27.31 -3.50 -8.35
CA GLU D 3 -27.75 -4.89 -8.46
C GLU D 3 -28.83 -5.08 -9.54
N MET D 4 -29.04 -6.35 -9.97
CA MET D 4 -30.01 -6.85 -10.95
C MET D 4 -29.67 -6.43 -12.41
N GLU D 5 -29.05 -5.25 -12.59
CA GLU D 5 -28.60 -4.73 -13.88
C GLU D 5 -27.05 -4.66 -13.87
N GLU D 6 -26.38 -5.82 -13.98
CA GLU D 6 -24.90 -5.97 -13.99
C GLU D 6 -24.26 -5.12 -15.12
N GLU E 2 -15.11 31.94 51.36
CA GLU E 2 -16.00 32.42 50.30
C GLU E 2 -15.41 32.11 48.88
N TRP E 3 -14.07 31.87 48.77
CA TRP E 3 -13.39 31.56 47.51
C TRP E 3 -13.59 30.09 47.12
N LEU E 4 -14.17 29.83 45.93
CA LEU E 4 -14.33 28.48 45.44
C LEU E 4 -13.13 28.12 44.57
N ASP E 5 -12.43 27.03 44.92
CA ASP E 5 -11.29 26.53 44.18
C ASP E 5 -11.86 25.54 43.17
N ILE E 6 -12.25 26.07 41.99
CA ILE E 6 -12.95 25.36 40.91
C ILE E 6 -12.27 24.05 40.49
N LEU E 7 -11.00 24.10 40.12
CA LEU E 7 -10.31 22.91 39.62
C LEU E 7 -9.54 22.16 40.73
N GLY E 8 -9.54 22.70 41.93
CA GLY E 8 -8.91 22.10 43.09
C GLY E 8 -7.42 22.35 43.24
N ASN E 9 -6.78 23.01 42.24
CA ASN E 9 -5.33 23.27 42.18
C ASN E 9 -4.94 24.69 42.65
N GLY E 10 -5.92 25.54 42.93
CA GLY E 10 -5.68 26.93 43.34
C GLY E 10 -5.40 27.89 42.19
N LEU E 11 -5.45 27.40 40.94
CA LEU E 11 -5.16 28.19 39.74
C LEU E 11 -6.37 28.90 39.13
N LEU E 12 -7.60 28.52 39.53
CA LEU E 12 -8.83 29.13 39.03
C LEU E 12 -9.83 29.21 40.19
N ARG E 13 -9.86 30.40 40.84
CA ARG E 13 -10.69 30.65 42.03
C ARG E 13 -11.80 31.67 41.77
N LYS E 14 -13.02 31.41 42.28
CA LYS E 14 -14.20 32.27 42.09
C LYS E 14 -14.82 32.73 43.43
N LYS E 15 -15.11 34.03 43.53
CA LYS E 15 -15.77 34.60 44.69
C LYS E 15 -16.97 35.41 44.22
N THR E 16 -18.18 35.09 44.73
CA THR E 16 -19.41 35.80 44.37
C THR E 16 -19.42 37.12 45.11
N LEU E 17 -19.54 38.24 44.37
CA LEU E 17 -19.58 39.59 44.93
C LEU E 17 -21.03 40.00 45.15
N VAL E 18 -21.83 39.89 44.09
CA VAL E 18 -23.26 40.19 44.06
C VAL E 18 -23.97 38.94 43.55
N PRO E 19 -24.89 38.34 44.32
CA PRO E 19 -25.62 37.17 43.79
C PRO E 19 -26.67 37.60 42.77
N GLY E 20 -27.17 36.62 42.03
CA GLY E 20 -28.21 36.82 41.02
C GLY E 20 -29.55 37.16 41.65
N PRO E 21 -30.41 37.90 40.93
CA PRO E 21 -31.71 38.28 41.52
C PRO E 21 -32.60 37.06 41.81
N PRO E 22 -33.61 37.19 42.70
CA PRO E 22 -34.49 36.04 42.96
C PRO E 22 -35.11 35.49 41.66
N GLY E 23 -35.07 34.16 41.50
CA GLY E 23 -35.58 33.47 40.30
C GLY E 23 -34.55 33.15 39.22
N SER E 24 -33.32 33.69 39.34
CA SER E 24 -32.21 33.53 38.37
C SER E 24 -31.48 32.19 38.50
N SER E 25 -31.12 31.58 37.35
CA SER E 25 -30.40 30.31 37.30
C SER E 25 -29.08 30.39 36.49
N ARG E 26 -28.28 29.31 36.54
CA ARG E 26 -26.98 29.19 35.86
C ARG E 26 -27.10 28.90 34.36
N PRO E 27 -26.19 29.45 33.52
CA PRO E 27 -26.25 29.16 32.08
C PRO E 27 -25.76 27.74 31.80
N VAL E 28 -26.19 27.15 30.67
CA VAL E 28 -25.85 25.79 30.26
C VAL E 28 -24.99 25.85 28.98
N LYS E 29 -24.19 24.80 28.73
CA LYS E 29 -23.32 24.66 27.56
C LYS E 29 -24.14 24.87 26.29
N GLY E 30 -23.63 25.73 25.40
CA GLY E 30 -24.26 26.06 24.13
C GLY E 30 -24.98 27.39 24.13
N GLN E 31 -25.32 27.93 25.30
CA GLN E 31 -26.03 29.19 25.41
C GLN E 31 -25.16 30.35 25.03
N VAL E 32 -25.77 31.34 24.42
CA VAL E 32 -25.02 32.54 24.06
C VAL E 32 -25.13 33.44 25.27
N VAL E 33 -23.98 33.71 25.93
CA VAL E 33 -23.93 34.53 27.13
C VAL E 33 -23.29 35.89 26.85
N THR E 34 -23.80 36.94 27.51
CA THR E 34 -23.28 38.32 27.44
C THR E 34 -22.78 38.69 28.82
N VAL E 35 -21.51 39.11 28.90
CA VAL E 35 -20.93 39.50 30.18
C VAL E 35 -20.39 40.94 30.10
N HIS E 36 -20.17 41.56 31.27
CA HIS E 36 -19.47 42.82 31.46
C HIS E 36 -18.21 42.44 32.22
N LEU E 37 -17.08 42.47 31.53
CA LEU E 37 -15.80 42.00 32.06
C LEU E 37 -14.82 43.16 32.33
N GLN E 38 -14.18 43.13 33.50
CA GLN E 38 -13.15 44.11 33.92
C GLN E 38 -11.88 43.32 34.27
N THR E 39 -10.99 43.15 33.27
CA THR E 39 -9.74 42.37 33.34
C THR E 39 -8.58 43.22 33.86
N SER E 40 -7.80 42.65 34.77
CA SER E 40 -6.62 43.29 35.34
C SER E 40 -5.55 42.24 35.62
N LEU E 41 -4.29 42.68 35.61
CA LEU E 41 -3.13 41.82 35.84
C LEU E 41 -2.93 41.63 37.34
N GLU E 42 -1.99 40.75 37.72
CA GLU E 42 -1.64 40.44 39.11
C GLU E 42 -1.15 41.67 39.88
N ASN E 43 -0.51 42.63 39.19
CA ASN E 43 0.01 43.87 39.76
C ASN E 43 -1.04 45.01 39.83
N GLY E 44 -2.23 44.78 39.26
CA GLY E 44 -3.33 45.75 39.27
C GLY E 44 -3.55 46.54 38.00
N THR E 45 -2.69 46.35 36.99
CA THR E 45 -2.79 47.04 35.69
C THR E 45 -4.01 46.52 34.92
N ARG E 46 -4.89 47.43 34.49
CA ARG E 46 -6.10 47.08 33.75
C ARG E 46 -5.79 46.74 32.29
N VAL E 47 -6.45 45.70 31.80
CA VAL E 47 -6.27 45.21 30.45
C VAL E 47 -7.25 45.90 29.49
N GLN E 48 -6.70 46.50 28.42
CA GLN E 48 -7.39 47.20 27.33
C GLN E 48 -8.74 47.80 27.79
N GLU E 49 -9.87 47.36 27.18
CA GLU E 49 -11.24 47.79 27.49
C GLU E 49 -12.26 46.98 26.68
N GLU E 50 -12.90 46.01 27.34
CA GLU E 50 -13.95 45.18 26.76
C GLU E 50 -15.22 45.41 27.57
N PRO E 51 -16.17 46.23 27.07
CA PRO E 51 -17.39 46.48 27.84
C PRO E 51 -18.26 45.23 27.75
N GLU E 52 -19.18 45.16 26.80
CA GLU E 52 -19.97 43.95 26.61
C GLU E 52 -19.14 42.92 25.83
N LEU E 53 -19.20 41.67 26.28
CA LEU E 53 -18.54 40.55 25.63
C LEU E 53 -19.58 39.45 25.41
N VAL E 54 -19.75 39.01 24.17
CA VAL E 54 -20.71 37.99 23.76
C VAL E 54 -19.95 36.75 23.28
N PHE E 55 -20.22 35.60 23.91
CA PHE E 55 -19.57 34.35 23.54
C PHE E 55 -20.47 33.17 23.85
N THR E 56 -20.27 32.06 23.15
CA THR E 56 -21.03 30.81 23.32
C THR E 56 -20.30 29.96 24.35
N LEU E 57 -21.02 29.56 25.40
CA LEU E 57 -20.48 28.76 26.50
C LEU E 57 -20.05 27.37 26.03
N GLY E 58 -18.82 27.02 26.37
CA GLY E 58 -18.21 25.72 26.03
C GLY E 58 -17.54 25.66 24.66
N ASP E 59 -17.51 26.77 23.91
CA ASP E 59 -16.95 26.91 22.57
C ASP E 59 -15.49 27.47 22.58
N CYS E 60 -15.02 27.95 23.75
CA CYS E 60 -13.68 28.54 23.98
C CYS E 60 -13.37 29.63 22.97
N ASP E 61 -14.34 30.55 22.79
CA ASP E 61 -14.27 31.70 21.90
C ASP E 61 -13.21 32.70 22.33
N VAL E 62 -13.03 32.91 23.64
CA VAL E 62 -12.10 33.95 24.13
C VAL E 62 -10.97 33.30 24.92
N ILE E 63 -11.25 32.88 26.17
CA ILE E 63 -10.25 32.23 27.04
C ILE E 63 -10.93 31.10 27.80
N GLN E 64 -10.17 30.04 28.13
CA GLN E 64 -10.65 28.87 28.89
C GLN E 64 -11.23 29.28 30.26
N ALA E 65 -10.62 30.28 30.92
CA ALA E 65 -11.01 30.79 32.23
C ALA E 65 -12.50 31.17 32.25
N LEU E 66 -13.00 31.82 31.20
CA LEU E 66 -14.40 32.20 31.10
C LEU E 66 -15.33 30.98 30.92
N ASP E 67 -14.96 30.02 30.07
CA ASP E 67 -15.79 28.83 29.84
C ASP E 67 -15.85 27.90 31.06
N LEU E 68 -14.86 28.00 31.96
CA LEU E 68 -14.76 27.18 33.15
C LEU E 68 -15.42 27.81 34.37
N SER E 69 -15.46 29.15 34.44
CA SER E 69 -16.01 29.86 35.58
C SER E 69 -17.45 30.37 35.40
N VAL E 70 -17.82 30.82 34.17
CA VAL E 70 -19.14 31.39 33.90
C VAL E 70 -20.28 30.33 34.12
N PRO E 71 -20.12 29.00 33.84
CA PRO E 71 -21.22 28.05 34.12
C PRO E 71 -21.54 27.92 35.61
N LEU E 72 -20.68 28.49 36.49
CA LEU E 72 -20.83 28.46 37.93
C LEU E 72 -21.43 29.76 38.45
N MET E 73 -21.92 30.64 37.53
CA MET E 73 -22.54 31.92 37.85
C MET E 73 -24.03 31.93 37.50
N ASP E 74 -24.87 32.62 38.30
CA ASP E 74 -26.29 32.75 37.96
C ASP E 74 -26.48 33.93 37.06
N VAL E 75 -27.47 33.89 36.15
CA VAL E 75 -27.78 35.02 35.28
C VAL E 75 -28.12 36.24 36.18
N GLY E 76 -27.17 37.15 36.33
CA GLY E 76 -27.28 38.34 37.16
C GLY E 76 -26.15 38.51 38.13
N GLU E 77 -25.39 37.44 38.35
CA GLU E 77 -24.29 37.41 39.31
C GLU E 77 -23.09 38.27 38.90
N THR E 78 -22.45 38.85 39.89
CA THR E 78 -21.18 39.53 39.74
C THR E 78 -20.23 38.71 40.57
N ALA E 79 -19.21 38.16 39.93
CA ALA E 79 -18.18 37.40 40.60
C ALA E 79 -16.80 37.90 40.21
N MET E 80 -15.82 37.57 41.05
CA MET E 80 -14.42 37.86 40.85
C MET E 80 -13.75 36.51 40.59
N VAL E 81 -12.98 36.39 39.49
CA VAL E 81 -12.30 35.13 39.16
C VAL E 81 -10.79 35.38 39.02
N THR E 82 -9.98 34.65 39.77
CA THR E 82 -8.53 34.73 39.65
C THR E 82 -8.10 33.54 38.83
N ALA E 83 -7.43 33.77 37.70
CA ALA E 83 -7.02 32.66 36.86
C ALA E 83 -5.55 32.70 36.49
N ASP E 84 -4.90 31.53 36.46
CA ASP E 84 -3.50 31.38 36.03
C ASP E 84 -3.44 31.56 34.52
N SER E 85 -2.28 31.95 33.97
CA SER E 85 -2.02 32.20 32.55
C SER E 85 -2.41 31.06 31.65
N LYS E 86 -2.30 29.79 32.11
CA LYS E 86 -2.63 28.61 31.29
C LYS E 86 -4.12 28.56 30.90
N TYR E 87 -5.01 29.20 31.66
CA TYR E 87 -6.44 29.27 31.33
C TYR E 87 -6.78 30.58 30.65
N CYS E 88 -5.78 31.44 30.44
CA CYS E 88 -5.89 32.76 29.87
C CYS E 88 -5.10 32.90 28.55
N TYR E 89 -4.08 33.75 28.51
CA TYR E 89 -3.33 34.06 27.29
C TYR E 89 -1.97 33.34 27.21
N GLY E 90 -1.73 32.43 28.15
CA GLY E 90 -0.57 31.55 28.19
C GLY E 90 0.83 32.10 28.10
N PRO E 91 1.78 31.24 27.62
CA PRO E 91 3.19 31.64 27.55
C PRO E 91 3.54 32.75 26.58
N GLN E 92 2.70 33.05 25.59
CA GLN E 92 3.05 34.12 24.65
C GLN E 92 2.33 35.43 24.94
N GLY E 93 1.19 35.33 25.65
CA GLY E 93 0.36 36.48 25.97
C GLY E 93 -0.53 36.83 24.79
N ARG E 94 -0.92 38.11 24.69
CA ARG E 94 -1.80 38.58 23.60
C ARG E 94 -1.31 39.89 22.99
N SER E 95 -1.59 40.10 21.68
CA SER E 95 -1.29 41.34 20.93
C SER E 95 -2.18 42.49 21.43
N PRO E 96 -3.54 42.38 21.61
CA PRO E 96 -4.26 43.42 22.39
C PRO E 96 -3.86 43.13 23.85
N TYR E 97 -2.68 43.67 24.19
CA TYR E 97 -1.62 43.42 25.12
C TYR E 97 -1.98 42.86 26.49
N ILE E 98 -1.33 41.72 26.73
CA ILE E 98 -1.27 40.89 27.93
C ILE E 98 0.16 40.32 27.95
N PRO E 99 0.94 40.55 29.02
CA PRO E 99 2.32 40.01 29.07
C PRO E 99 2.35 38.47 29.11
N PRO E 100 3.50 37.83 28.80
CA PRO E 100 3.55 36.37 28.86
C PRO E 100 3.46 35.85 30.30
N HIS E 101 2.88 34.66 30.49
CA HIS E 101 2.68 34.00 31.81
C HIS E 101 2.00 34.93 32.82
N ALA E 102 0.97 35.66 32.34
CA ALA E 102 0.28 36.62 33.17
C ALA E 102 -0.96 36.03 33.78
N ALA E 103 -1.05 36.09 35.12
CA ALA E 103 -2.23 35.66 35.87
C ALA E 103 -3.24 36.80 35.82
N LEU E 104 -4.52 36.49 35.63
CA LEU E 104 -5.54 37.54 35.49
C LEU E 104 -6.58 37.52 36.59
N CYS E 105 -7.11 38.72 36.90
CA CYS E 105 -8.23 38.94 37.81
C CYS E 105 -9.37 39.43 36.94
N LEU E 106 -10.39 38.60 36.80
CA LEU E 106 -11.53 38.89 35.95
C LEU E 106 -12.75 39.23 36.79
N GLU E 107 -13.26 40.47 36.63
CA GLU E 107 -14.45 40.97 37.31
C GLU E 107 -15.61 40.71 36.34
N VAL E 108 -16.36 39.61 36.55
CA VAL E 108 -17.41 39.21 35.62
C VAL E 108 -18.79 39.50 36.17
N THR E 109 -19.69 40.00 35.30
CA THR E 109 -21.10 40.27 35.56
C THR E 109 -21.85 39.55 34.48
N LEU E 110 -22.53 38.45 34.81
CA LEU E 110 -23.29 37.72 33.80
C LEU E 110 -24.62 38.45 33.57
N LYS E 111 -24.72 39.13 32.44
CA LYS E 111 -25.88 39.96 32.09
C LYS E 111 -27.05 39.12 31.58
N THR E 112 -26.86 38.36 30.48
CA THR E 112 -27.90 37.53 29.88
C THR E 112 -27.35 36.18 29.45
N ALA E 113 -28.26 35.21 29.21
CA ALA E 113 -27.98 33.86 28.73
C ALA E 113 -29.19 33.39 27.97
N VAL E 114 -29.07 33.30 26.63
CA VAL E 114 -30.16 32.89 25.75
C VAL E 114 -29.77 31.59 25.09
N ASP E 115 -30.75 30.78 24.71
CA ASP E 115 -30.48 29.49 24.08
C ASP E 115 -29.67 29.68 22.79
N GLY E 116 -28.75 28.74 22.56
CA GLY E 116 -27.88 28.73 21.39
C GLY E 116 -28.65 28.68 20.09
N PRO E 117 -28.12 29.29 19.01
CA PRO E 117 -28.88 29.30 17.75
C PRO E 117 -28.95 27.93 17.11
N ASP E 118 -30.08 27.63 16.44
CA ASP E 118 -30.21 26.40 15.68
C ASP E 118 -29.52 26.67 14.37
N LEU E 119 -28.29 26.14 14.20
CA LEU E 119 -27.45 26.35 13.02
C LEU E 119 -28.20 26.07 11.74
N GLU E 120 -29.09 25.05 11.77
CA GLU E 120 -29.90 24.63 10.66
C GLU E 120 -31.01 25.64 10.30
N MET E 121 -31.33 26.56 11.22
CA MET E 121 -32.40 27.54 11.04
C MET E 121 -31.87 28.97 10.87
N LEU E 122 -30.53 29.12 10.75
CA LEU E 122 -29.91 30.44 10.56
C LEU E 122 -30.16 30.98 9.15
N THR E 123 -30.27 32.31 9.02
CA THR E 123 -30.41 32.95 7.72
C THR E 123 -28.99 33.09 7.13
N GLY E 124 -28.89 33.34 5.83
CA GLY E 124 -27.63 33.55 5.14
C GLY E 124 -26.80 34.65 5.77
N GLN E 125 -27.42 35.83 6.07
CA GLN E 125 -26.69 36.95 6.72
C GLN E 125 -26.23 36.62 8.15
N GLU E 126 -27.05 35.82 8.94
CA GLU E 126 -26.71 35.39 10.31
C GLU E 126 -25.57 34.37 10.28
N ARG E 127 -25.60 33.49 9.25
CA ARG E 127 -24.63 32.45 8.98
C ARG E 127 -23.29 33.05 8.69
N VAL E 128 -23.26 34.17 7.95
CA VAL E 128 -22.08 34.92 7.57
C VAL E 128 -21.48 35.52 8.85
N ALA E 129 -22.33 36.20 9.66
CA ALA E 129 -21.95 36.87 10.91
C ALA E 129 -21.42 35.89 11.98
N LEU E 130 -22.03 34.70 12.10
CA LEU E 130 -21.57 33.72 13.08
C LEU E 130 -20.21 33.10 12.64
N ALA E 131 -20.09 32.70 11.36
CA ALA E 131 -18.86 32.10 10.81
C ALA E 131 -17.72 33.08 10.88
N ASN E 132 -17.98 34.36 10.62
CA ASN E 132 -16.94 35.41 10.69
C ASN E 132 -16.49 35.64 12.10
N ARG E 133 -17.41 35.54 13.07
CA ARG E 133 -17.09 35.74 14.49
C ARG E 133 -16.19 34.61 14.98
N LYS E 134 -16.50 33.36 14.60
CA LYS E 134 -15.71 32.20 14.99
C LYS E 134 -14.34 32.26 14.33
N ARG E 135 -14.27 32.71 13.05
CA ARG E 135 -13.03 32.93 12.30
C ARG E 135 -12.17 33.98 13.00
N GLU E 136 -12.79 35.04 13.49
CA GLU E 136 -12.03 36.09 14.20
C GLU E 136 -11.49 35.58 15.55
N CYS E 137 -12.23 34.67 16.19
CA CYS E 137 -11.83 34.02 17.44
C CYS E 137 -10.63 33.13 17.18
N GLY E 138 -10.75 32.24 16.19
CA GLY E 138 -9.68 31.35 15.77
C GLY E 138 -8.41 32.10 15.43
N ASN E 139 -8.54 33.25 14.72
CA ASN E 139 -7.42 34.10 14.35
C ASN E 139 -6.70 34.61 15.60
N ALA E 140 -7.46 35.08 16.61
CA ALA E 140 -6.91 35.59 17.88
C ALA E 140 -6.11 34.51 18.63
N HIS E 141 -6.62 33.27 18.63
CA HIS E 141 -6.00 32.09 19.25
C HIS E 141 -4.72 31.70 18.51
N TYR E 142 -4.72 31.81 17.17
CA TYR E 142 -3.59 31.48 16.31
C TYR E 142 -2.43 32.44 16.52
N GLN E 143 -2.70 33.78 16.59
CA GLN E 143 -1.67 34.81 16.80
C GLN E 143 -0.83 34.56 18.07
N ARG E 144 -1.47 34.10 19.16
CA ARG E 144 -0.86 33.81 20.47
C ARG E 144 -0.30 32.34 20.53
N ALA E 145 -0.33 31.60 19.41
CA ALA E 145 0.19 30.23 19.19
C ALA E 145 -0.60 29.16 19.97
N ASP E 146 -1.92 29.38 20.10
CA ASP E 146 -2.82 28.40 20.69
C ASP E 146 -3.51 27.78 19.52
N PHE E 147 -2.87 26.76 18.95
CA PHE E 147 -3.28 26.10 17.72
C PHE E 147 -4.38 25.09 17.96
N VAL E 148 -4.46 24.55 19.19
CA VAL E 148 -5.54 23.62 19.56
C VAL E 148 -6.88 24.39 19.57
N LEU E 149 -6.89 25.61 20.17
CA LEU E 149 -8.08 26.44 20.28
C LEU E 149 -8.42 27.09 18.94
N ALA E 150 -7.39 27.57 18.18
CA ALA E 150 -7.56 28.14 16.84
C ALA E 150 -8.26 27.12 15.93
N ALA E 151 -7.76 25.87 15.92
CA ALA E 151 -8.36 24.79 15.11
C ALA E 151 -9.81 24.53 15.51
N ASN E 152 -10.12 24.59 16.83
CA ASN E 152 -11.47 24.35 17.35
C ASN E 152 -12.44 25.43 16.83
N SER E 153 -12.10 26.73 16.98
CA SER E 153 -12.88 27.84 16.50
C SER E 153 -13.09 27.78 14.95
N TYR E 154 -12.00 27.49 14.18
CA TYR E 154 -12.13 27.38 12.71
C TYR E 154 -13.08 26.29 12.35
N ASP E 155 -13.04 25.14 13.08
CA ASP E 155 -13.98 24.04 12.82
C ASP E 155 -15.41 24.43 13.17
N LEU E 156 -15.59 25.34 14.15
CA LEU E 156 -16.94 25.78 14.54
C LEU E 156 -17.47 26.73 13.47
N ALA E 157 -16.58 27.62 12.93
CA ALA E 157 -16.87 28.53 11.83
C ALA E 157 -17.31 27.75 10.57
N ILE E 158 -16.64 26.62 10.27
CA ILE E 158 -16.98 25.73 9.14
C ILE E 158 -18.34 25.05 9.38
N LYS E 159 -18.55 24.48 10.58
CA LYS E 159 -19.77 23.76 10.95
C LYS E 159 -21.01 24.68 10.81
N ALA E 160 -20.80 26.01 11.08
CA ALA E 160 -21.78 27.08 10.98
C ALA E 160 -22.11 27.41 9.50
N ILE E 161 -21.14 27.27 8.59
CA ILE E 161 -21.34 27.51 7.15
C ILE E 161 -22.08 26.33 6.50
N THR E 162 -21.63 25.11 6.79
CA THR E 162 -22.09 23.86 6.15
C THR E 162 -23.43 23.30 6.66
N SER E 163 -23.98 23.83 7.75
CA SER E 163 -25.26 23.28 8.24
C SER E 163 -26.43 24.12 7.67
N SER E 164 -26.57 24.12 6.32
CA SER E 164 -27.55 24.92 5.57
C SER E 164 -28.54 24.10 4.73
N ALA E 165 -28.67 22.78 4.99
CA ALA E 165 -29.54 21.87 4.26
C ALA E 165 -31.05 22.16 4.37
N LYS E 166 -31.51 22.98 5.36
CA LYS E 166 -32.93 23.25 5.57
C LYS E 166 -33.32 24.75 5.38
N VAL E 167 -32.39 25.61 4.94
CA VAL E 167 -32.66 27.05 4.73
C VAL E 167 -32.33 27.41 3.29
N ASP E 168 -33.19 28.25 2.66
CA ASP E 168 -33.01 28.71 1.29
C ASP E 168 -32.34 30.08 1.27
N MET E 169 -31.07 30.10 0.88
CA MET E 169 -30.24 31.31 0.77
C MET E 169 -30.16 31.73 -0.68
N THR E 170 -29.78 33.00 -0.94
CA THR E 170 -29.61 33.49 -2.31
C THR E 170 -28.28 32.98 -2.88
N PHE E 171 -28.06 33.12 -4.20
CA PHE E 171 -26.81 32.67 -4.83
C PHE E 171 -25.62 33.48 -4.28
N GLU E 172 -25.83 34.79 -4.13
CA GLU E 172 -24.85 35.77 -3.63
C GLU E 172 -24.39 35.39 -2.22
N GLU E 173 -25.30 34.87 -1.38
CA GLU E 173 -25.04 34.40 -0.01
C GLU E 173 -24.23 33.11 -0.03
N GLU E 174 -24.60 32.13 -0.89
CA GLU E 174 -23.92 30.86 -1.07
C GLU E 174 -22.45 31.09 -1.48
N ALA E 175 -22.22 31.99 -2.44
CA ALA E 175 -20.88 32.37 -2.95
C ALA E 175 -20.03 33.04 -1.86
N GLN E 176 -20.64 33.98 -1.10
CA GLN E 176 -19.99 34.70 0.01
C GLN E 176 -19.54 33.70 1.10
N LEU E 177 -20.38 32.68 1.37
CA LEU E 177 -20.12 31.67 2.39
C LEU E 177 -19.08 30.66 1.90
N LEU E 178 -18.98 30.45 0.57
CA LEU E 178 -17.98 29.57 -0.04
C LEU E 178 -16.61 30.21 0.12
N GLN E 179 -16.54 31.54 -0.10
CA GLN E 179 -15.32 32.32 0.06
C GLN E 179 -14.81 32.28 1.50
N LEU E 180 -15.72 32.25 2.45
CA LEU E 180 -15.46 32.20 3.89
C LEU E 180 -15.01 30.83 4.30
N LYS E 181 -15.63 29.78 3.75
CA LYS E 181 -15.30 28.39 4.05
C LYS E 181 -13.85 28.08 3.65
N VAL E 182 -13.41 28.55 2.45
CA VAL E 182 -12.04 28.35 1.91
C VAL E 182 -11.04 29.07 2.85
N LYS E 183 -11.37 30.31 3.31
CA LYS E 183 -10.52 31.05 4.26
C LYS E 183 -10.40 30.29 5.59
N CYS E 184 -11.52 29.71 6.10
CA CYS E 184 -11.54 28.95 7.35
C CYS E 184 -10.76 27.63 7.22
N LEU E 185 -10.91 26.92 6.08
CA LEU E 185 -10.24 25.65 5.81
C LEU E 185 -8.73 25.82 5.70
N ASN E 186 -8.30 26.90 5.06
CA ASN E 186 -6.91 27.31 4.92
C ASN E 186 -6.33 27.61 6.30
N ASN E 187 -7.08 28.35 7.12
CA ASN E 187 -6.73 28.71 8.51
C ASN E 187 -6.65 27.46 9.41
N LEU E 188 -7.55 26.49 9.16
CA LEU E 188 -7.57 25.20 9.85
C LEU E 188 -6.30 24.44 9.47
N ALA E 189 -5.93 24.46 8.18
CA ALA E 189 -4.72 23.82 7.63
C ALA E 189 -3.48 24.38 8.33
N ALA E 190 -3.37 25.71 8.39
CA ALA E 190 -2.26 26.40 9.06
C ALA E 190 -2.11 25.90 10.48
N SER E 191 -3.24 25.76 11.22
CA SER E 191 -3.31 25.33 12.62
C SER E 191 -2.92 23.87 12.80
N GLN E 192 -3.46 22.98 11.95
CA GLN E 192 -3.20 21.54 11.99
C GLN E 192 -1.74 21.23 11.61
N LEU E 193 -1.10 22.09 10.77
CA LEU E 193 0.31 21.97 10.37
C LEU E 193 1.20 22.18 11.59
N LYS E 194 0.89 23.20 12.39
CA LYS E 194 1.59 23.56 13.62
C LYS E 194 1.47 22.49 14.71
N LEU E 195 0.44 21.65 14.65
CA LEU E 195 0.21 20.58 15.62
C LEU E 195 0.67 19.23 15.07
N ASP E 196 1.40 19.24 13.95
CA ASP E 196 1.92 18.06 13.25
C ASP E 196 0.79 17.09 12.90
N HIS E 197 -0.46 17.59 12.73
CA HIS E 197 -1.58 16.73 12.33
C HIS E 197 -1.61 16.74 10.80
N TYR E 198 -0.59 16.10 10.22
CA TYR E 198 -0.27 16.06 8.80
C TYR E 198 -1.36 15.51 7.93
N ARG E 199 -1.98 14.36 8.31
CA ARG E 199 -3.05 13.76 7.52
C ARG E 199 -4.28 14.68 7.44
N ALA E 200 -4.60 15.38 8.55
CA ALA E 200 -5.72 16.30 8.63
C ALA E 200 -5.43 17.54 7.82
N ALA E 201 -4.25 18.18 8.04
CA ALA E 201 -3.79 19.39 7.36
C ALA E 201 -3.81 19.22 5.85
N LEU E 202 -3.46 18.00 5.38
CA LEU E 202 -3.46 17.61 3.97
C LEU E 202 -4.88 17.64 3.40
N ARG E 203 -5.87 17.14 4.16
CA ARG E 203 -7.29 17.12 3.76
C ARG E 203 -7.81 18.55 3.60
N SER E 204 -7.54 19.40 4.61
CA SER E 204 -7.90 20.81 4.63
C SER E 204 -7.27 21.55 3.43
N CYS E 205 -5.98 21.29 3.15
CA CYS E 205 -5.19 21.87 2.04
C CYS E 205 -5.79 21.45 0.69
N SER E 206 -6.07 20.15 0.52
CA SER E 206 -6.64 19.60 -0.70
C SER E 206 -8.06 20.10 -0.98
N LEU E 207 -8.86 20.38 0.09
CA LEU E 207 -10.21 20.93 -0.07
C LEU E 207 -10.14 22.36 -0.53
N VAL E 208 -9.20 23.14 0.00
CA VAL E 208 -8.99 24.54 -0.41
C VAL E 208 -8.60 24.58 -1.90
N LEU E 209 -7.66 23.71 -2.30
CA LEU E 209 -7.14 23.67 -3.67
C LEU E 209 -8.17 23.17 -4.68
N GLU E 210 -9.20 22.46 -4.22
CA GLU E 210 -10.28 22.01 -5.07
C GLU E 210 -11.15 23.22 -5.47
N HIS E 211 -11.23 24.23 -4.59
CA HIS E 211 -12.01 25.46 -4.84
C HIS E 211 -11.15 26.52 -5.48
N GLN E 212 -9.91 26.66 -5.00
CA GLN E 212 -8.94 27.64 -5.46
C GLN E 212 -7.59 26.95 -5.76
N PRO E 213 -7.40 26.42 -7.00
CA PRO E 213 -6.15 25.71 -7.31
C PRO E 213 -4.88 26.55 -7.36
N ASP E 214 -4.98 27.89 -7.38
CA ASP E 214 -3.80 28.75 -7.38
C ASP E 214 -3.68 29.56 -6.07
N ASN E 215 -4.17 28.97 -4.96
CA ASN E 215 -4.08 29.56 -3.62
C ASN E 215 -2.68 29.26 -3.14
N ILE E 216 -1.82 30.30 -3.07
CA ILE E 216 -0.41 30.17 -2.74
C ILE E 216 -0.22 29.62 -1.32
N LYS E 217 -1.07 30.04 -0.34
CA LYS E 217 -0.99 29.59 1.04
C LYS E 217 -1.26 28.12 1.15
N ALA E 218 -2.34 27.63 0.50
CA ALA E 218 -2.69 26.21 0.52
C ALA E 218 -1.65 25.37 -0.20
N LEU E 219 -1.03 25.89 -1.29
CA LEU E 219 0.03 25.17 -2.01
C LEU E 219 1.26 25.04 -1.13
N PHE E 220 1.72 26.14 -0.53
CA PHE E 220 2.88 26.15 0.35
C PHE E 220 2.67 25.23 1.57
N ARG E 221 1.47 25.27 2.19
CA ARG E 221 1.17 24.46 3.37
C ARG E 221 1.09 22.96 2.99
N LYS E 222 0.56 22.65 1.80
CA LYS E 222 0.49 21.25 1.36
C LYS E 222 1.92 20.73 1.11
N GLY E 223 2.76 21.55 0.48
CA GLY E 223 4.16 21.24 0.20
C GLY E 223 4.97 21.05 1.46
N LYS E 224 4.83 21.97 2.44
CA LYS E 224 5.50 21.92 3.75
C LYS E 224 5.11 20.64 4.53
N VAL E 225 3.83 20.22 4.43
CA VAL E 225 3.34 19.00 5.08
C VAL E 225 3.97 17.77 4.41
N LEU E 226 3.95 17.72 3.06
CA LEU E 226 4.52 16.64 2.27
C LEU E 226 6.01 16.50 2.55
N ALA E 227 6.72 17.64 2.72
CA ALA E 227 8.14 17.72 3.00
C ALA E 227 8.46 17.19 4.40
N GLN E 228 7.66 17.57 5.41
CA GLN E 228 7.84 17.15 6.80
C GLN E 228 7.49 15.68 6.98
N GLN E 229 6.64 15.12 6.10
CA GLN E 229 6.29 13.71 6.12
C GLN E 229 7.40 12.86 5.49
N GLY E 230 8.25 13.48 4.68
CA GLY E 230 9.34 12.81 3.98
C GLY E 230 9.04 12.48 2.53
N GLU E 231 7.89 12.95 2.01
CA GLU E 231 7.44 12.77 0.62
C GLU E 231 8.00 13.92 -0.23
N TYR E 232 9.33 13.93 -0.37
CA TYR E 232 10.12 14.94 -1.08
C TYR E 232 9.78 14.99 -2.58
N SER E 233 9.53 13.81 -3.18
CA SER E 233 9.18 13.64 -4.60
C SER E 233 7.86 14.32 -4.95
N GLU E 234 6.89 14.32 -4.01
CA GLU E 234 5.58 14.95 -4.19
C GLU E 234 5.58 16.41 -3.75
N ALA E 235 6.46 16.78 -2.81
CA ALA E 235 6.53 18.14 -2.24
C ALA E 235 7.14 19.18 -3.17
N ILE E 236 8.23 18.81 -3.90
CA ILE E 236 9.00 19.73 -4.74
C ILE E 236 8.14 20.32 -5.90
N PRO E 237 7.32 19.56 -6.71
CA PRO E 237 6.52 20.25 -7.73
C PRO E 237 5.46 21.20 -7.14
N ILE E 238 4.88 20.86 -5.99
CA ILE E 238 3.86 21.67 -5.31
C ILE E 238 4.51 22.96 -4.78
N LEU E 239 5.67 22.84 -4.11
CA LEU E 239 6.40 24.02 -3.60
C LEU E 239 6.93 24.87 -4.75
N ARG E 240 7.20 24.25 -5.94
CA ARG E 240 7.63 24.99 -7.13
C ARG E 240 6.44 25.70 -7.75
N ALA E 241 5.27 25.05 -7.82
CA ALA E 241 4.01 25.64 -8.32
C ALA E 241 3.64 26.92 -7.54
N ALA E 242 3.92 26.94 -6.22
CA ALA E 242 3.74 28.11 -5.33
C ALA E 242 4.74 29.19 -5.69
N LEU E 243 6.02 28.81 -5.91
CA LEU E 243 7.10 29.74 -6.26
C LEU E 243 6.84 30.36 -7.62
N LYS E 244 6.21 29.62 -8.53
CA LYS E 244 5.84 30.11 -9.86
C LYS E 244 4.88 31.33 -9.79
N LEU E 245 4.07 31.42 -8.72
CA LEU E 245 3.11 32.51 -8.49
C LEU E 245 3.78 33.70 -7.81
N GLU E 246 4.82 33.46 -7.00
CA GLU E 246 5.62 34.48 -6.30
C GLU E 246 7.11 34.07 -6.29
N PRO E 247 7.85 34.37 -7.40
CA PRO E 247 9.24 33.91 -7.49
C PRO E 247 10.20 34.59 -6.50
N SER E 248 9.90 35.81 -6.03
CA SER E 248 10.78 36.54 -5.12
C SER E 248 10.59 36.17 -3.63
N ASN E 249 9.52 35.40 -3.30
CA ASN E 249 9.15 34.99 -1.94
C ASN E 249 10.25 34.13 -1.28
N LYS E 250 10.89 34.74 -0.26
CA LYS E 250 12.01 34.20 0.51
C LYS E 250 11.62 32.95 1.30
N THR E 251 10.39 32.89 1.84
CA THR E 251 9.92 31.74 2.62
C THR E 251 9.80 30.46 1.75
N ILE E 252 9.27 30.58 0.52
CA ILE E 252 9.14 29.44 -0.40
C ILE E 252 10.53 28.94 -0.85
N HIS E 253 11.50 29.87 -1.04
CA HIS E 253 12.88 29.55 -1.43
C HIS E 253 13.57 28.75 -0.33
N ALA E 254 13.50 29.27 0.91
CA ALA E 254 14.05 28.69 2.13
C ALA E 254 13.47 27.30 2.39
N GLU E 255 12.20 27.09 2.05
CA GLU E 255 11.53 25.82 2.22
C GLU E 255 12.01 24.83 1.17
N LEU E 256 12.21 25.29 -0.09
CA LEU E 256 12.69 24.43 -1.17
C LEU E 256 14.14 24.02 -0.95
N SER E 257 14.99 25.00 -0.59
CA SER E 257 16.41 24.81 -0.33
C SER E 257 16.64 23.78 0.79
N LYS E 258 15.85 23.89 1.90
CA LYS E 258 15.88 23.01 3.08
C LYS E 258 15.53 21.60 2.66
N LEU E 259 14.48 21.46 1.83
CA LEU E 259 13.96 20.20 1.31
C LEU E 259 14.97 19.50 0.38
N VAL E 260 15.58 20.25 -0.58
CA VAL E 260 16.53 19.66 -1.54
C VAL E 260 17.83 19.20 -0.81
N LYS E 261 18.33 20.00 0.17
CA LYS E 261 19.53 19.68 0.95
C LYS E 261 19.31 18.42 1.78
N LYS E 262 18.14 18.28 2.45
CA LYS E 262 17.77 17.13 3.27
C LYS E 262 17.57 15.87 2.44
N HIS E 263 16.97 15.99 1.25
CA HIS E 263 16.73 14.86 0.36
C HIS E 263 18.07 14.28 -0.12
N ALA E 264 18.96 15.16 -0.65
CA ALA E 264 20.30 14.89 -1.20
C ALA E 264 21.10 13.87 -0.39
N ALA E 265 21.14 14.02 0.96
CA ALA E 265 21.83 13.10 1.85
C ALA E 265 21.00 11.82 2.00
N GLN E 266 21.56 10.69 1.52
CA GLN E 266 20.92 9.37 1.53
C GLN E 266 21.97 8.26 1.42
N GLU F 1 -33.97 -36.25 -16.69
CA GLU F 1 -34.82 -36.06 -17.85
C GLU F 1 -33.99 -35.87 -19.12
N GLU F 2 -33.07 -34.89 -19.13
CA GLU F 2 -32.17 -34.59 -20.23
C GLU F 2 -30.71 -34.64 -19.75
N TRP F 3 -29.75 -34.74 -20.69
CA TRP F 3 -28.33 -34.80 -20.35
C TRP F 3 -27.80 -33.40 -20.09
N LEU F 4 -27.18 -33.18 -18.93
CA LEU F 4 -26.55 -31.90 -18.62
C LEU F 4 -25.09 -32.00 -18.96
N ASP F 5 -24.62 -31.11 -19.83
CA ASP F 5 -23.22 -31.02 -20.24
C ASP F 5 -22.57 -30.05 -19.25
N ILE F 6 -22.06 -30.62 -18.13
CA ILE F 6 -21.49 -29.92 -16.99
C ILE F 6 -20.38 -28.92 -17.37
N LEU F 7 -19.35 -29.38 -18.06
CA LEU F 7 -18.21 -28.53 -18.39
C LEU F 7 -18.35 -27.85 -19.76
N GLY F 8 -19.43 -28.13 -20.48
CA GLY F 8 -19.71 -27.52 -21.79
C GLY F 8 -19.03 -28.20 -22.96
N ASN F 9 -18.09 -29.09 -22.66
CA ASN F 9 -17.42 -30.01 -23.57
C ASN F 9 -18.07 -31.32 -23.23
N GLY F 10 -18.46 -32.12 -24.23
CA GLY F 10 -19.17 -33.38 -23.98
C GLY F 10 -18.43 -34.46 -23.22
N LEU F 11 -17.48 -34.06 -22.35
CA LEU F 11 -16.62 -34.97 -21.62
C LEU F 11 -17.13 -35.35 -20.23
N LEU F 12 -18.07 -34.60 -19.66
CA LEU F 12 -18.64 -34.90 -18.34
C LEU F 12 -20.14 -34.54 -18.37
N ARG F 13 -20.97 -35.56 -18.64
CA ARG F 13 -22.41 -35.42 -18.81
C ARG F 13 -23.19 -36.16 -17.70
N LYS F 14 -24.25 -35.50 -17.18
CA LYS F 14 -25.07 -36.04 -16.09
C LYS F 14 -26.55 -36.13 -16.47
N LYS F 15 -27.16 -37.29 -16.20
CA LYS F 15 -28.58 -37.51 -16.42
C LYS F 15 -29.20 -38.03 -15.13
N THR F 16 -30.22 -37.33 -14.61
CA THR F 16 -30.90 -37.73 -13.38
C THR F 16 -31.81 -38.92 -13.71
N LEU F 17 -31.62 -40.04 -13.00
CA LEU F 17 -32.42 -41.27 -13.18
C LEU F 17 -33.59 -41.22 -12.23
N VAL F 18 -33.30 -41.02 -10.92
CA VAL F 18 -34.27 -40.90 -9.84
C VAL F 18 -34.01 -39.55 -9.16
N PRO F 19 -34.98 -38.63 -9.10
CA PRO F 19 -34.73 -37.35 -8.42
C PRO F 19 -34.73 -37.56 -6.90
N GLY F 20 -34.21 -36.57 -6.17
CA GLY F 20 -34.19 -36.59 -4.72
C GLY F 20 -35.54 -36.23 -4.15
N PRO F 21 -35.79 -36.44 -2.83
CA PRO F 21 -37.10 -36.07 -2.25
C PRO F 21 -37.49 -34.59 -2.43
N PRO F 22 -38.80 -34.22 -2.42
CA PRO F 22 -39.19 -32.81 -2.66
C PRO F 22 -38.43 -31.71 -1.90
N GLY F 23 -38.00 -31.98 -0.67
CA GLY F 23 -37.28 -31.00 0.13
C GLY F 23 -35.75 -31.07 0.09
N SER F 24 -35.19 -32.07 -0.61
CA SER F 24 -33.74 -32.32 -0.71
C SER F 24 -32.96 -31.14 -1.27
N SER F 25 -31.73 -30.97 -0.77
CA SER F 25 -30.80 -29.92 -1.19
C SER F 25 -29.50 -30.55 -1.71
N ARG F 26 -28.66 -29.75 -2.38
CA ARG F 26 -27.37 -30.18 -2.90
C ARG F 26 -26.27 -30.12 -1.82
N PRO F 27 -25.27 -31.04 -1.88
CA PRO F 27 -24.17 -30.95 -0.92
C PRO F 27 -23.24 -29.78 -1.28
N VAL F 28 -22.49 -29.26 -0.30
CA VAL F 28 -21.58 -28.14 -0.50
C VAL F 28 -20.13 -28.61 -0.23
N LYS F 29 -19.14 -27.91 -0.81
CA LYS F 29 -17.71 -28.18 -0.64
C LYS F 29 -17.37 -28.31 0.83
N GLY F 30 -16.67 -29.39 1.17
CA GLY F 30 -16.23 -29.69 2.52
C GLY F 30 -17.07 -30.74 3.24
N GLN F 31 -18.31 -30.97 2.78
CA GLN F 31 -19.20 -31.94 3.40
C GLN F 31 -18.72 -33.37 3.13
N VAL F 32 -18.91 -34.26 4.11
CA VAL F 32 -18.56 -35.66 3.97
C VAL F 32 -19.78 -36.34 3.37
N VAL F 33 -19.68 -36.74 2.10
CA VAL F 33 -20.76 -37.36 1.38
C VAL F 33 -20.55 -38.89 1.31
N THR F 34 -21.67 -39.64 1.38
CA THR F 34 -21.70 -41.10 1.23
C THR F 34 -22.49 -41.41 -0.03
N VAL F 35 -21.90 -42.17 -0.96
CA VAL F 35 -22.57 -42.54 -2.21
C VAL F 35 -22.55 -44.06 -2.42
N HIS F 36 -23.37 -44.58 -3.33
CA HIS F 36 -23.35 -45.96 -3.81
C HIS F 36 -22.91 -45.84 -5.26
N LEU F 37 -21.70 -46.32 -5.57
CA LEU F 37 -21.17 -46.16 -6.93
C LEU F 37 -21.08 -47.48 -7.69
N GLN F 38 -21.57 -47.47 -8.93
CA GLN F 38 -21.52 -48.58 -9.88
C GLN F 38 -20.77 -48.08 -11.11
N THR F 39 -19.50 -48.46 -11.23
CA THR F 39 -18.62 -48.03 -12.31
C THR F 39 -18.57 -49.09 -13.41
N SER F 40 -18.68 -48.64 -14.66
CA SER F 40 -18.61 -49.50 -15.84
C SER F 40 -17.88 -48.78 -16.97
N LEU F 41 -17.24 -49.55 -17.86
CA LEU F 41 -16.50 -49.02 -18.99
C LEU F 41 -17.47 -48.66 -20.13
N GLU F 42 -16.94 -48.00 -21.19
CA GLU F 42 -17.72 -47.57 -22.35
C GLU F 42 -18.40 -48.74 -23.08
N ASN F 43 -17.78 -49.95 -23.03
CA ASN F 43 -18.29 -51.16 -23.66
C ASN F 43 -19.30 -51.93 -22.75
N GLY F 44 -19.49 -51.49 -21.52
CA GLY F 44 -20.44 -52.09 -20.59
C GLY F 44 -19.87 -52.98 -19.50
N THR F 45 -18.54 -53.22 -19.53
CA THR F 45 -17.86 -54.07 -18.55
C THR F 45 -17.85 -53.36 -17.18
N ARG F 46 -18.37 -54.03 -16.14
CA ARG F 46 -18.44 -53.48 -14.79
C ARG F 46 -17.07 -53.61 -14.11
N VAL F 47 -16.64 -52.55 -13.41
CA VAL F 47 -15.34 -52.50 -12.73
C VAL F 47 -15.51 -52.94 -11.25
N GLN F 48 -16.33 -52.21 -10.46
CA GLN F 48 -16.59 -52.51 -9.04
C GLN F 48 -17.88 -51.85 -8.58
N GLU F 49 -18.35 -52.24 -7.38
CA GLU F 49 -19.57 -51.69 -6.79
C GLU F 49 -19.29 -51.37 -5.32
N GLU F 50 -19.14 -50.08 -5.04
CA GLU F 50 -18.90 -49.56 -3.70
C GLU F 50 -20.25 -49.13 -3.15
N PRO F 51 -20.87 -49.91 -2.24
CA PRO F 51 -22.22 -49.54 -1.76
C PRO F 51 -22.25 -48.36 -0.77
N GLU F 52 -21.11 -48.02 -0.14
CA GLU F 52 -21.04 -46.94 0.81
C GLU F 52 -19.71 -46.17 0.73
N LEU F 53 -19.35 -45.65 -0.49
CA LEU F 53 -18.13 -44.86 -0.69
C LEU F 53 -18.28 -43.53 0.06
N VAL F 54 -17.36 -43.25 0.98
CA VAL F 54 -17.35 -42.05 1.83
C VAL F 54 -16.18 -41.16 1.44
N PHE F 55 -16.44 -39.91 1.07
CA PHE F 55 -15.39 -38.97 0.66
C PHE F 55 -15.84 -37.56 0.95
N THR F 56 -14.86 -36.64 1.10
CA THR F 56 -15.07 -35.23 1.35
C THR F 56 -15.13 -34.51 0.01
N LEU F 57 -16.22 -33.79 -0.23
CA LEU F 57 -16.46 -33.05 -1.46
C LEU F 57 -15.42 -31.93 -1.64
N GLY F 58 -14.80 -31.92 -2.81
CA GLY F 58 -13.80 -30.93 -3.22
C GLY F 58 -12.37 -31.25 -2.81
N ASP F 59 -12.14 -32.42 -2.16
CA ASP F 59 -10.85 -32.89 -1.67
C ASP F 59 -10.14 -33.86 -2.65
N CYS F 60 -10.85 -34.31 -3.71
CA CYS F 60 -10.37 -35.24 -4.76
C CYS F 60 -9.78 -36.52 -4.13
N ASP F 61 -10.55 -37.11 -3.22
CA ASP F 61 -10.22 -38.35 -2.51
C ASP F 61 -10.19 -39.56 -3.45
N VAL F 62 -11.07 -39.59 -4.47
CA VAL F 62 -11.16 -40.75 -5.36
C VAL F 62 -10.82 -40.34 -6.81
N ILE F 63 -11.76 -39.69 -7.51
CA ILE F 63 -11.59 -39.23 -8.90
C ILE F 63 -12.22 -37.87 -9.05
N GLN F 64 -11.68 -37.03 -9.96
CA GLN F 64 -12.18 -35.67 -10.25
C GLN F 64 -13.66 -35.68 -10.69
N ALA F 65 -14.07 -36.71 -11.46
CA ALA F 65 -15.43 -36.89 -11.98
C ALA F 65 -16.47 -36.83 -10.87
N LEU F 66 -16.20 -37.45 -9.72
CA LEU F 66 -17.09 -37.42 -8.55
C LEU F 66 -17.19 -36.03 -7.91
N ASP F 67 -16.06 -35.35 -7.73
CA ASP F 67 -16.04 -34.01 -7.11
C ASP F 67 -16.68 -32.94 -8.01
N LEU F 68 -16.76 -33.19 -9.32
CA LEU F 68 -17.32 -32.26 -10.30
C LEU F 68 -18.81 -32.50 -10.55
N SER F 69 -19.28 -33.74 -10.40
CA SER F 69 -20.66 -34.10 -10.68
C SER F 69 -21.57 -34.18 -9.44
N VAL F 70 -21.04 -34.67 -8.29
CA VAL F 70 -21.82 -34.85 -7.06
C VAL F 70 -22.36 -33.49 -6.52
N PRO F 71 -21.67 -32.32 -6.63
CA PRO F 71 -22.28 -31.06 -6.15
C PRO F 71 -23.54 -30.65 -6.92
N LEU F 72 -23.79 -31.30 -8.08
CA LEU F 72 -24.95 -31.06 -8.95
C LEU F 72 -26.09 -32.06 -8.68
N MET F 73 -25.97 -32.87 -7.62
CA MET F 73 -26.95 -33.85 -7.19
C MET F 73 -27.58 -33.46 -5.88
N ASP F 74 -28.87 -33.75 -5.71
CA ASP F 74 -29.52 -33.51 -4.42
C ASP F 74 -29.35 -34.77 -3.56
N VAL F 75 -29.33 -34.61 -2.23
CA VAL F 75 -29.20 -35.74 -1.32
C VAL F 75 -30.43 -36.67 -1.54
N GLY F 76 -30.17 -37.88 -2.04
CA GLY F 76 -31.21 -38.85 -2.36
C GLY F 76 -31.42 -39.08 -3.85
N GLU F 77 -30.62 -38.42 -4.68
CA GLU F 77 -30.73 -38.54 -6.12
C GLU F 77 -29.89 -39.71 -6.67
N THR F 78 -30.36 -40.33 -7.77
CA THR F 78 -29.64 -41.35 -8.49
C THR F 78 -29.42 -40.80 -9.87
N ALA F 79 -28.14 -40.68 -10.26
CA ALA F 79 -27.77 -40.12 -11.54
C ALA F 79 -26.75 -40.96 -12.28
N MET F 80 -26.77 -40.85 -13.61
CA MET F 80 -25.85 -41.51 -14.51
C MET F 80 -24.87 -40.45 -14.99
N VAL F 81 -23.58 -40.69 -14.80
CA VAL F 81 -22.56 -39.71 -15.21
C VAL F 81 -21.58 -40.34 -16.18
N THR F 82 -21.45 -39.74 -17.38
CA THR F 82 -20.48 -40.24 -18.36
C THR F 82 -19.29 -39.33 -18.26
N ALA F 83 -18.12 -39.90 -17.96
CA ALA F 83 -16.92 -39.07 -17.80
C ALA F 83 -15.77 -39.57 -18.64
N ASP F 84 -15.03 -38.63 -19.24
CA ASP F 84 -13.81 -38.93 -20.00
C ASP F 84 -12.71 -39.35 -19.02
N SER F 85 -11.72 -40.11 -19.50
CA SER F 85 -10.61 -40.64 -18.71
C SER F 85 -9.84 -39.59 -17.94
N LYS F 86 -9.74 -38.35 -18.46
CA LYS F 86 -8.99 -37.26 -17.83
C LYS F 86 -9.58 -36.85 -16.45
N TYR F 87 -10.88 -37.12 -16.22
CA TYR F 87 -11.53 -36.82 -14.94
C TYR F 87 -11.62 -38.09 -14.07
N CYS F 88 -11.13 -39.21 -14.61
CA CYS F 88 -11.16 -40.52 -13.99
C CYS F 88 -9.75 -41.08 -13.68
N TYR F 89 -9.36 -42.20 -14.32
CA TYR F 89 -8.10 -42.89 -14.05
C TYR F 89 -7.02 -42.62 -15.12
N GLY F 90 -7.27 -41.63 -15.99
CA GLY F 90 -6.36 -41.10 -16.99
C GLY F 90 -5.61 -42.00 -17.96
N PRO F 91 -4.49 -41.47 -18.48
CA PRO F 91 -3.69 -42.22 -19.46
C PRO F 91 -2.90 -43.40 -18.88
N GLN F 92 -3.23 -43.90 -17.67
CA GLN F 92 -2.48 -45.01 -17.07
C GLN F 92 -3.36 -46.14 -16.53
N GLY F 93 -4.59 -45.84 -16.09
CA GLY F 93 -5.48 -46.85 -15.53
C GLY F 93 -5.27 -47.09 -14.05
N ARG F 94 -5.90 -48.14 -13.46
CA ARG F 94 -5.78 -48.40 -12.01
C ARG F 94 -5.64 -49.90 -11.61
N SER F 95 -5.53 -50.16 -10.26
CA SER F 95 -5.37 -51.47 -9.58
C SER F 95 -6.61 -52.35 -9.81
N PRO F 96 -7.86 -52.02 -9.36
CA PRO F 96 -9.03 -52.84 -9.75
C PRO F 96 -9.38 -52.42 -11.19
N TYR F 97 -8.52 -52.90 -12.11
CA TYR F 97 -8.25 -52.62 -13.52
C TYR F 97 -9.22 -51.69 -14.23
N ILE F 98 -8.61 -50.68 -14.86
CA ILE F 98 -9.18 -49.66 -15.73
C ILE F 98 -8.19 -49.50 -16.88
N PRO F 99 -8.60 -49.71 -18.16
CA PRO F 99 -7.63 -49.56 -19.27
C PRO F 99 -7.15 -48.11 -19.46
N PRO F 100 -5.94 -47.85 -20.02
CA PRO F 100 -5.55 -46.45 -20.27
C PRO F 100 -6.56 -45.76 -21.18
N HIS F 101 -6.81 -44.47 -20.93
CA HIS F 101 -7.75 -43.62 -21.66
C HIS F 101 -9.18 -44.23 -21.75
N ALA F 102 -9.64 -44.87 -20.68
CA ALA F 102 -10.97 -45.47 -20.69
C ALA F 102 -12.01 -44.56 -20.02
N ALA F 103 -13.03 -44.21 -20.81
CA ALA F 103 -14.17 -43.39 -20.43
C ALA F 103 -15.06 -44.21 -19.51
N LEU F 104 -15.57 -43.59 -18.44
CA LEU F 104 -16.39 -44.33 -17.47
C LEU F 104 -17.84 -43.86 -17.43
N CYS F 105 -18.73 -44.81 -17.09
CA CYS F 105 -20.14 -44.57 -16.81
C CYS F 105 -20.34 -44.87 -15.35
N LEU F 106 -20.61 -43.82 -14.59
CA LEU F 106 -20.77 -43.91 -13.15
C LEU F 106 -22.24 -43.79 -12.77
N GLU F 107 -22.80 -44.83 -12.14
CA GLU F 107 -24.17 -44.81 -11.65
C GLU F 107 -24.08 -44.50 -10.16
N VAL F 108 -24.33 -43.23 -9.83
CA VAL F 108 -24.17 -42.68 -8.49
C VAL F 108 -25.51 -42.49 -7.83
N THR F 109 -25.56 -42.81 -6.55
CA THR F 109 -26.71 -42.60 -5.69
C THR F 109 -26.18 -41.87 -4.47
N LEU F 110 -26.39 -40.56 -4.41
CA LEU F 110 -25.99 -39.77 -3.25
C LEU F 110 -26.95 -40.13 -2.10
N LYS F 111 -26.41 -40.69 -1.02
CA LYS F 111 -27.18 -41.19 0.12
C LYS F 111 -27.28 -40.15 1.24
N THR F 112 -26.14 -39.69 1.78
CA THR F 112 -26.11 -38.68 2.83
C THR F 112 -25.06 -37.62 2.55
N ALA F 113 -25.17 -36.48 3.24
CA ALA F 113 -24.24 -35.35 3.20
C ALA F 113 -24.28 -34.67 4.55
N VAL F 114 -23.19 -34.83 5.33
CA VAL F 114 -23.07 -34.22 6.66
C VAL F 114 -21.98 -33.18 6.62
N ASP F 115 -22.06 -32.18 7.49
CA ASP F 115 -21.05 -31.11 7.55
C ASP F 115 -19.67 -31.69 7.85
N GLY F 116 -18.67 -31.13 7.20
CA GLY F 116 -17.27 -31.54 7.36
C GLY F 116 -16.78 -31.37 8.78
N PRO F 117 -15.85 -32.23 9.25
CA PRO F 117 -15.38 -32.11 10.64
C PRO F 117 -14.52 -30.87 10.87
N ASP F 118 -14.62 -30.31 12.08
CA ASP F 118 -13.76 -29.20 12.49
C ASP F 118 -12.45 -29.84 12.92
N LEU F 119 -11.43 -29.75 12.04
CA LEU F 119 -10.11 -30.35 12.25
C LEU F 119 -9.53 -29.98 13.62
N GLU F 120 -9.81 -28.75 14.09
CA GLU F 120 -9.36 -28.19 15.35
C GLU F 120 -10.06 -28.82 16.55
N MET F 121 -11.20 -29.52 16.32
CA MET F 121 -12.02 -30.13 17.38
C MET F 121 -11.99 -31.67 17.34
N LEU F 122 -11.16 -32.25 16.46
CA LEU F 122 -11.04 -33.71 16.34
C LEU F 122 -10.33 -34.33 17.53
N THR F 123 -10.71 -35.56 17.88
CA THR F 123 -10.06 -36.31 18.95
C THR F 123 -8.80 -36.97 18.34
N GLY F 124 -7.87 -37.40 19.19
CA GLY F 124 -6.65 -38.09 18.74
C GLY F 124 -6.96 -39.30 17.88
N GLN F 125 -7.97 -40.10 18.30
CA GLN F 125 -8.46 -41.31 17.59
C GLN F 125 -9.02 -40.96 16.21
N GLU F 126 -9.83 -39.89 16.13
CA GLU F 126 -10.46 -39.40 14.91
C GLU F 126 -9.41 -38.81 13.95
N ARG F 127 -8.41 -38.12 14.53
CA ARG F 127 -7.30 -37.48 13.85
C ARG F 127 -6.45 -38.53 13.15
N VAL F 128 -6.24 -39.69 13.81
CA VAL F 128 -5.49 -40.83 13.29
C VAL F 128 -6.26 -41.44 12.10
N ALA F 129 -7.58 -41.67 12.27
CA ALA F 129 -8.48 -42.24 11.27
C ALA F 129 -8.64 -41.34 10.03
N LEU F 130 -8.72 -40.02 10.20
CA LEU F 130 -8.85 -39.11 9.06
C LEU F 130 -7.53 -39.03 8.28
N ALA F 131 -6.39 -38.89 8.99
CA ALA F 131 -5.06 -38.78 8.37
C ALA F 131 -4.71 -40.06 7.63
N ASN F 132 -5.09 -41.22 8.18
CA ASN F 132 -4.82 -42.49 7.54
C ASN F 132 -5.67 -42.67 6.30
N ARG F 133 -6.90 -42.14 6.31
CA ARG F 133 -7.81 -42.22 5.16
C ARG F 133 -7.26 -41.36 4.01
N LYS F 134 -6.78 -40.15 4.32
CA LYS F 134 -6.21 -39.26 3.31
C LYS F 134 -4.91 -39.85 2.74
N ARG F 135 -4.09 -40.49 3.62
CA ARG F 135 -2.85 -41.17 3.26
C ARG F 135 -3.15 -42.32 2.31
N GLU F 136 -4.23 -43.08 2.57
CA GLU F 136 -4.64 -44.21 1.72
C GLU F 136 -5.13 -43.70 0.37
N CYS F 137 -5.76 -42.50 0.35
CA CYS F 137 -6.23 -41.86 -0.89
C CYS F 137 -5.03 -41.45 -1.72
N GLY F 138 -4.09 -40.70 -1.11
CA GLY F 138 -2.85 -40.27 -1.73
C GLY F 138 -2.08 -41.43 -2.32
N ASN F 139 -2.01 -42.56 -1.58
CA ASN F 139 -1.33 -43.78 -2.03
C ASN F 139 -1.95 -44.32 -3.29
N ALA F 140 -3.31 -44.35 -3.36
CA ALA F 140 -4.05 -44.84 -4.53
C ALA F 140 -3.79 -43.96 -5.77
N HIS F 141 -3.66 -42.63 -5.57
CA HIS F 141 -3.37 -41.63 -6.62
C HIS F 141 -1.95 -41.76 -7.13
N TYR F 142 -1.02 -42.09 -6.22
CA TYR F 142 0.40 -42.25 -6.50
C TYR F 142 0.64 -43.48 -7.35
N GLN F 143 0.01 -44.65 -7.01
CA GLN F 143 0.15 -45.91 -7.76
C GLN F 143 -0.21 -45.76 -9.26
N ARG F 144 -1.20 -44.90 -9.57
CA ARG F 144 -1.70 -44.60 -10.93
C ARG F 144 -0.81 -43.62 -11.69
N ALA F 145 0.07 -42.91 -10.95
CA ALA F 145 1.00 -41.86 -11.38
C ALA F 145 0.29 -40.49 -11.49
N ASP F 146 -0.68 -40.26 -10.61
CA ASP F 146 -1.36 -38.97 -10.48
C ASP F 146 -0.73 -38.34 -9.27
N PHE F 147 0.40 -37.68 -9.50
CA PHE F 147 1.24 -37.09 -8.47
C PHE F 147 0.72 -35.77 -7.98
N VAL F 148 -0.08 -35.06 -8.80
CA VAL F 148 -0.70 -33.80 -8.39
C VAL F 148 -1.78 -34.11 -7.32
N LEU F 149 -2.59 -35.17 -7.54
CA LEU F 149 -3.64 -35.57 -6.62
C LEU F 149 -3.07 -36.28 -5.38
N ALA F 150 -2.04 -37.13 -5.57
CA ALA F 150 -1.33 -37.79 -4.47
C ALA F 150 -0.78 -36.76 -3.52
N ALA F 151 -0.07 -35.72 -4.04
CA ALA F 151 0.49 -34.64 -3.22
C ALA F 151 -0.60 -33.91 -2.43
N ASN F 152 -1.79 -33.74 -3.02
CA ASN F 152 -2.89 -33.03 -2.40
C ASN F 152 -3.45 -33.83 -1.21
N SER F 153 -3.61 -35.14 -1.38
CA SER F 153 -4.13 -35.99 -0.33
C SER F 153 -3.13 -36.06 0.83
N TYR F 154 -1.82 -36.10 0.52
CA TYR F 154 -0.79 -36.13 1.55
C TYR F 154 -0.74 -34.81 2.27
N ASP F 155 -0.99 -33.69 1.53
CA ASP F 155 -1.04 -32.33 2.07
C ASP F 155 -2.23 -32.19 3.02
N LEU F 156 -3.36 -32.85 2.71
CA LEU F 156 -4.58 -32.82 3.52
C LEU F 156 -4.39 -33.71 4.73
N ALA F 157 -3.67 -34.82 4.56
CA ALA F 157 -3.37 -35.76 5.64
C ALA F 157 -2.53 -35.07 6.71
N ILE F 158 -1.53 -34.27 6.29
CA ILE F 158 -0.65 -33.51 7.18
C ILE F 158 -1.44 -32.43 7.90
N LYS F 159 -2.25 -31.64 7.16
CA LYS F 159 -3.07 -30.54 7.71
C LYS F 159 -4.01 -31.02 8.82
N ALA F 160 -4.53 -32.28 8.69
CA ALA F 160 -5.39 -32.94 9.68
C ALA F 160 -4.60 -33.31 10.95
N ILE F 161 -3.33 -33.74 10.79
CA ILE F 161 -2.45 -34.11 11.92
C ILE F 161 -2.05 -32.85 12.72
N THR F 162 -1.59 -31.80 12.02
CA THR F 162 -1.01 -30.58 12.60
C THR F 162 -2.03 -29.55 13.15
N SER F 163 -3.34 -29.71 12.89
CA SER F 163 -4.33 -28.76 13.41
C SER F 163 -4.87 -29.26 14.77
N SER F 164 -3.99 -29.38 15.77
CA SER F 164 -4.28 -29.93 17.11
C SER F 164 -4.03 -28.95 18.27
N ALA F 165 -3.92 -27.65 17.99
CA ALA F 165 -3.62 -26.61 18.98
C ALA F 165 -4.70 -26.42 20.08
N LYS F 166 -5.95 -26.90 19.87
CA LYS F 166 -7.04 -26.71 20.83
C LYS F 166 -7.61 -28.01 21.43
N VAL F 167 -6.98 -29.17 21.16
CA VAL F 167 -7.42 -30.45 21.72
C VAL F 167 -6.27 -31.08 22.50
N ASP F 168 -6.58 -31.68 23.66
CA ASP F 168 -5.61 -32.36 24.52
C ASP F 168 -5.62 -33.86 24.24
N MET F 169 -4.56 -34.34 23.56
CA MET F 169 -4.33 -35.74 23.22
C MET F 169 -3.32 -36.35 24.19
N THR F 170 -3.30 -37.69 24.31
CA THR F 170 -2.34 -38.39 25.17
C THR F 170 -0.95 -38.40 24.49
N PHE F 171 0.12 -38.77 25.23
CA PHE F 171 1.47 -38.85 24.67
C PHE F 171 1.53 -39.91 23.56
N GLU F 172 0.87 -41.06 23.80
CA GLU F 172 0.77 -42.22 22.91
C GLU F 172 0.14 -41.81 21.57
N GLU F 173 -0.86 -40.90 21.61
CA GLU F 173 -1.55 -40.36 20.45
C GLU F 173 -0.65 -39.40 19.66
N GLU F 174 0.06 -38.50 20.36
CA GLU F 174 1.00 -37.53 19.78
C GLU F 174 2.10 -38.27 19.01
N ALA F 175 2.70 -39.31 19.64
CA ALA F 175 3.75 -40.15 19.06
C ALA F 175 3.26 -40.90 17.80
N GLN F 176 2.04 -41.50 17.87
CA GLN F 176 1.39 -42.22 16.79
C GLN F 176 1.18 -41.30 15.59
N LEU F 177 0.78 -40.04 15.87
CA LEU F 177 0.51 -39.03 14.84
C LEU F 177 1.81 -38.48 14.25
N LEU F 178 2.92 -38.50 15.03
CA LEU F 178 4.24 -38.08 14.55
C LEU F 178 4.76 -39.10 13.58
N GLN F 179 4.55 -40.39 13.87
CA GLN F 179 4.93 -41.50 12.99
C GLN F 179 4.19 -41.42 11.65
N LEU F 180 2.94 -40.98 11.69
CA LEU F 180 2.05 -40.83 10.54
C LEU F 180 2.45 -39.62 9.70
N LYS F 181 2.82 -38.52 10.36
CA LYS F 181 3.24 -37.28 9.71
C LYS F 181 4.51 -37.51 8.87
N VAL F 182 5.51 -38.25 9.42
CA VAL F 182 6.78 -38.59 8.76
C VAL F 182 6.48 -39.44 7.52
N LYS F 183 5.57 -40.42 7.62
CA LYS F 183 5.16 -41.27 6.49
C LYS F 183 4.51 -40.41 5.39
N CYS F 184 3.64 -39.44 5.78
CA CYS F 184 2.94 -38.56 4.83
C CYS F 184 3.91 -37.58 4.18
N LEU F 185 4.88 -37.03 4.93
CA LEU F 185 5.88 -36.08 4.42
C LEU F 185 6.84 -36.75 3.44
N ASN F 186 7.19 -38.02 3.69
CA ASN F 186 8.06 -38.81 2.80
C ASN F 186 7.31 -39.11 1.51
N ASN F 187 6.01 -39.44 1.64
CA ASN F 187 5.09 -39.71 0.55
C ASN F 187 4.89 -38.45 -0.29
N LEU F 188 4.83 -37.28 0.37
CA LEU F 188 4.70 -35.97 -0.26
C LEU F 188 5.99 -35.69 -1.05
N ALA F 189 7.17 -36.00 -0.48
CA ALA F 189 8.49 -35.82 -1.13
C ALA F 189 8.58 -36.70 -2.37
N ALA F 190 8.14 -37.99 -2.27
CA ALA F 190 8.09 -38.91 -3.40
C ALA F 190 7.26 -38.32 -4.55
N SER F 191 6.16 -37.64 -4.22
CA SER F 191 5.20 -37.04 -5.16
C SER F 191 5.76 -35.75 -5.79
N GLN F 192 6.36 -34.86 -4.97
CA GLN F 192 6.96 -33.61 -5.41
C GLN F 192 8.14 -33.86 -6.36
N LEU F 193 8.99 -34.87 -6.05
CA LEU F 193 10.17 -35.27 -6.84
C LEU F 193 9.73 -35.71 -8.24
N LYS F 194 8.60 -36.42 -8.34
CA LYS F 194 8.02 -36.86 -9.62
C LYS F 194 7.49 -35.68 -10.46
N LEU F 195 7.17 -34.56 -9.82
CA LEU F 195 6.67 -33.35 -10.46
C LEU F 195 7.77 -32.30 -10.65
N ASP F 196 9.04 -32.70 -10.39
CA ASP F 196 10.24 -31.87 -10.47
C ASP F 196 10.10 -30.62 -9.57
N HIS F 197 9.28 -30.71 -8.50
CA HIS F 197 9.13 -29.61 -7.55
C HIS F 197 10.21 -29.80 -6.48
N TYR F 198 11.46 -29.60 -6.92
CA TYR F 198 12.70 -29.83 -6.19
C TYR F 198 12.80 -29.07 -4.88
N ARG F 199 12.46 -27.77 -4.86
CA ARG F 199 12.54 -26.96 -3.64
C ARG F 199 11.56 -27.47 -2.58
N ALA F 200 10.36 -27.90 -3.00
CA ALA F 200 9.34 -28.44 -2.12
C ALA F 200 9.68 -29.83 -1.63
N ALA F 201 10.16 -30.71 -2.53
CA ALA F 201 10.58 -32.08 -2.22
C ALA F 201 11.71 -32.08 -1.19
N LEU F 202 12.62 -31.10 -1.29
CA LEU F 202 13.76 -30.91 -0.41
C LEU F 202 13.30 -30.57 1.00
N ARG F 203 12.30 -29.67 1.13
CA ARG F 203 11.72 -29.27 2.41
C ARG F 203 11.12 -30.46 3.13
N SER F 204 10.31 -31.24 2.38
CA SER F 204 9.66 -32.43 2.89
C SER F 204 10.69 -33.46 3.33
N CYS F 205 11.76 -33.68 2.50
CA CYS F 205 12.87 -34.60 2.76
C CYS F 205 13.60 -34.22 4.03
N SER F 206 13.95 -32.93 4.17
CA SER F 206 14.66 -32.38 5.32
C SER F 206 13.83 -32.46 6.60
N LEU F 207 12.49 -32.31 6.51
CA LEU F 207 11.61 -32.41 7.67
C LEU F 207 11.55 -33.85 8.16
N VAL F 208 11.51 -34.83 7.23
CA VAL F 208 11.50 -36.26 7.57
C VAL F 208 12.81 -36.62 8.28
N LEU F 209 13.94 -36.14 7.74
CA LEU F 209 15.27 -36.47 8.28
C LEU F 209 15.55 -35.79 9.62
N GLU F 210 14.79 -34.74 9.95
CA GLU F 210 14.90 -34.08 11.25
C GLU F 210 14.29 -34.98 12.32
N HIS F 211 13.27 -35.79 11.96
CA HIS F 211 12.61 -36.74 12.86
C HIS F 211 13.29 -38.09 12.84
N GLN F 212 13.63 -38.56 11.63
CA GLN F 212 14.27 -39.86 11.39
C GLN F 212 15.52 -39.68 10.51
N PRO F 213 16.71 -39.37 11.12
CA PRO F 213 17.93 -39.17 10.31
C PRO F 213 18.47 -40.40 9.58
N ASP F 214 17.97 -41.62 9.88
CA ASP F 214 18.41 -42.82 9.17
C ASP F 214 17.29 -43.40 8.27
N ASN F 215 16.38 -42.53 7.79
CA ASN F 215 15.30 -42.92 6.88
C ASN F 215 15.91 -43.04 5.50
N ILE F 216 16.08 -44.27 5.01
CA ILE F 216 16.73 -44.56 3.73
C ILE F 216 16.01 -43.92 2.55
N LYS F 217 14.65 -43.91 2.57
CA LYS F 217 13.84 -43.35 1.50
C LYS F 217 14.04 -41.86 1.40
N ALA F 218 14.00 -41.14 2.54
CA ALA F 218 14.20 -39.69 2.58
C ALA F 218 15.62 -39.31 2.22
N LEU F 219 16.62 -40.15 2.57
CA LEU F 219 18.03 -39.90 2.23
C LEU F 219 18.21 -40.04 0.73
N PHE F 220 17.69 -41.14 0.14
CA PHE F 220 17.80 -41.39 -1.29
C PHE F 220 17.09 -40.30 -2.10
N ARG F 221 15.88 -39.89 -1.67
CA ARG F 221 15.10 -38.85 -2.35
C ARG F 221 15.78 -37.48 -2.22
N LYS F 222 16.42 -37.17 -1.08
CA LYS F 222 17.11 -35.89 -0.93
C LYS F 222 18.34 -35.85 -1.84
N GLY F 223 19.06 -36.98 -1.90
CA GLY F 223 20.23 -37.18 -2.74
C GLY F 223 19.89 -37.06 -4.22
N LYS F 224 18.82 -37.76 -4.67
CA LYS F 224 18.31 -37.74 -6.05
C LYS F 224 17.87 -36.32 -6.46
N VAL F 225 17.25 -35.55 -5.54
CA VAL F 225 16.80 -34.17 -5.80
C VAL F 225 18.03 -33.26 -5.95
N LEU F 226 18.99 -33.37 -5.00
CA LEU F 226 20.21 -32.57 -5.02
C LEU F 226 21.05 -32.90 -6.27
N ALA F 227 21.04 -34.17 -6.73
CA ALA F 227 21.72 -34.63 -7.95
C ALA F 227 21.08 -34.04 -9.20
N GLN F 228 19.72 -34.03 -9.27
CA GLN F 228 18.96 -33.51 -10.42
C GLN F 228 19.03 -31.98 -10.49
N GLN F 229 19.31 -31.33 -9.35
CA GLN F 229 19.50 -29.88 -9.29
C GLN F 229 20.92 -29.49 -9.73
N GLY F 230 21.85 -30.43 -9.66
CA GLY F 230 23.25 -30.22 -10.02
C GLY F 230 24.19 -30.03 -8.84
N GLU F 231 23.67 -30.22 -7.60
CA GLU F 231 24.42 -30.09 -6.35
C GLU F 231 25.05 -31.45 -6.01
N TYR F 232 26.00 -31.87 -6.87
CA TYR F 232 26.71 -33.16 -6.80
C TYR F 232 27.55 -33.29 -5.53
N SER F 233 28.18 -32.19 -5.10
CA SER F 233 29.01 -32.09 -3.89
C SER F 233 28.22 -32.38 -2.61
N GLU F 234 26.95 -32.00 -2.57
CA GLU F 234 26.06 -32.24 -1.43
C GLU F 234 25.34 -33.57 -1.53
N ALA F 235 25.09 -34.06 -2.76
CA ALA F 235 24.34 -35.29 -3.03
C ALA F 235 25.11 -36.58 -2.73
N ILE F 236 26.43 -36.64 -3.05
CA ILE F 236 27.25 -37.85 -2.90
C ILE F 236 27.36 -38.31 -1.41
N PRO F 237 27.63 -37.46 -0.37
CA PRO F 237 27.67 -38.01 1.00
C PRO F 237 26.31 -38.53 1.47
N ILE F 238 25.20 -37.88 1.06
CA ILE F 238 23.83 -38.27 1.41
C ILE F 238 23.48 -39.61 0.75
N LEU F 239 23.78 -39.75 -0.57
CA LEU F 239 23.54 -41.00 -1.30
C LEU F 239 24.43 -42.13 -0.77
N ARG F 240 25.62 -41.78 -0.22
CA ARG F 240 26.53 -42.76 0.38
C ARG F 240 26.00 -43.19 1.75
N ALA F 241 25.48 -42.22 2.55
CA ALA F 241 24.88 -42.47 3.87
C ALA F 241 23.71 -43.46 3.77
N ALA F 242 22.92 -43.40 2.66
CA ALA F 242 21.79 -44.30 2.35
C ALA F 242 22.30 -45.68 1.91
N LEU F 243 23.45 -45.73 1.20
CA LEU F 243 24.07 -46.98 0.77
C LEU F 243 24.68 -47.69 1.97
N LYS F 244 25.15 -46.92 2.97
CA LYS F 244 25.73 -47.47 4.21
C LYS F 244 24.69 -48.31 4.97
N LEU F 245 23.39 -47.99 4.82
CA LEU F 245 22.27 -48.68 5.50
C LEU F 245 21.83 -49.93 4.72
N GLU F 246 22.02 -49.93 3.38
CA GLU F 246 21.70 -51.04 2.48
C GLU F 246 22.77 -51.11 1.36
N PRO F 247 23.93 -51.74 1.64
CA PRO F 247 25.02 -51.76 0.64
C PRO F 247 24.73 -52.55 -0.62
N SER F 248 23.84 -53.55 -0.57
CA SER F 248 23.53 -54.39 -1.75
C SER F 248 22.46 -53.77 -2.67
N ASN F 249 21.79 -52.67 -2.24
CA ASN F 249 20.71 -52.00 -2.98
C ASN F 249 21.18 -51.45 -4.33
N LYS F 250 20.69 -52.09 -5.40
CA LYS F 250 21.01 -51.80 -6.80
C LYS F 250 20.59 -50.38 -7.23
N THR F 251 19.44 -49.89 -6.72
CA THR F 251 18.91 -48.56 -7.06
C THR F 251 19.83 -47.45 -6.54
N ILE F 252 20.35 -47.56 -5.31
CA ILE F 252 21.27 -46.56 -4.73
C ILE F 252 22.62 -46.57 -5.47
N HIS F 253 23.09 -47.76 -5.91
CA HIS F 253 24.33 -47.92 -6.66
C HIS F 253 24.23 -47.21 -8.01
N ALA F 254 23.13 -47.51 -8.74
CA ALA F 254 22.78 -46.98 -10.05
C ALA F 254 22.65 -45.45 -10.01
N GLU F 255 22.15 -44.94 -8.88
CA GLU F 255 21.99 -43.50 -8.68
C GLU F 255 23.34 -42.85 -8.42
N LEU F 256 24.22 -43.51 -7.63
CA LEU F 256 25.56 -42.97 -7.34
C LEU F 256 26.44 -42.98 -8.58
N SER F 257 26.43 -44.10 -9.32
CA SER F 257 27.20 -44.30 -10.54
C SER F 257 26.83 -43.25 -11.60
N LYS F 258 25.51 -42.97 -11.78
CA LYS F 258 24.95 -41.99 -12.71
C LYS F 258 25.43 -40.59 -12.34
N LEU F 259 25.43 -40.28 -11.04
CA LEU F 259 25.85 -39.00 -10.48
C LEU F 259 27.37 -38.77 -10.65
N VAL F 260 28.21 -39.77 -10.33
CA VAL F 260 29.67 -39.64 -10.44
C VAL F 260 30.11 -39.50 -11.92
N LYS F 261 29.46 -40.26 -12.85
CA LYS F 261 29.76 -40.20 -14.29
C LYS F 261 29.41 -38.82 -14.86
N LYS F 262 28.23 -38.27 -14.49
CA LYS F 262 27.76 -36.94 -14.94
C LYS F 262 28.65 -35.81 -14.35
N HIS F 263 29.28 -36.04 -13.18
CA HIS F 263 30.19 -35.14 -12.47
C HIS F 263 31.56 -35.06 -13.20
N ALA F 264 31.54 -34.92 -14.55
CA ALA F 264 32.71 -34.88 -15.44
C ALA F 264 32.54 -33.83 -16.59
N ALA F 265 32.11 -32.60 -16.23
CA ALA F 265 31.95 -31.53 -17.21
C ALA F 265 32.98 -30.43 -16.98
N GLU G 1 49.14 32.18 -16.48
CA GLU G 1 48.91 32.42 -15.05
C GLU G 1 47.72 33.38 -14.87
N GLU G 2 46.56 32.94 -15.37
CA GLU G 2 45.29 33.65 -15.29
C GLU G 2 44.50 33.16 -14.09
N TRP G 3 43.29 33.67 -13.89
CA TRP G 3 42.38 33.15 -12.89
C TRP G 3 41.60 31.99 -13.49
N LEU G 4 41.68 30.79 -12.87
CA LEU G 4 40.90 29.64 -13.32
C LEU G 4 39.57 29.63 -12.57
N ASP G 5 38.45 29.64 -13.31
CA ASP G 5 37.11 29.59 -12.75
C ASP G 5 36.75 28.11 -12.69
N ILE G 6 37.09 27.47 -11.56
CA ILE G 6 36.99 26.04 -11.30
C ILE G 6 35.57 25.49 -11.57
N LEU G 7 34.55 26.05 -10.94
CA LEU G 7 33.20 25.53 -11.06
C LEU G 7 32.39 26.20 -12.19
N GLY G 8 32.98 27.21 -12.82
CA GLY G 8 32.38 27.95 -13.93
C GLY G 8 31.43 29.07 -13.56
N ASN G 9 31.09 29.20 -12.25
CA ASN G 9 30.13 30.17 -11.72
C ASN G 9 30.79 31.46 -11.13
N GLY G 10 32.12 31.52 -11.11
CA GLY G 10 32.87 32.63 -10.54
C GLY G 10 32.94 32.65 -9.02
N LEU G 11 32.44 31.59 -8.35
CA LEU G 11 32.41 31.48 -6.88
C LEU G 11 33.64 30.78 -6.29
N LEU G 12 34.45 30.11 -7.12
CA LEU G 12 35.66 29.42 -6.66
C LEU G 12 36.75 29.57 -7.74
N ARG G 13 37.60 30.59 -7.57
CA ARG G 13 38.63 30.96 -8.54
C ARG G 13 40.04 30.72 -8.00
N LYS G 14 40.94 30.17 -8.84
CA LYS G 14 42.31 29.84 -8.47
C LYS G 14 43.34 30.53 -9.38
N LYS G 15 44.35 31.14 -8.76
CA LYS G 15 45.44 31.77 -9.50
C LYS G 15 46.76 31.22 -8.95
N THR G 16 47.58 30.63 -9.83
CA THR G 16 48.88 30.06 -9.45
C THR G 16 49.84 31.21 -9.22
N LEU G 17 50.45 31.25 -8.02
CA LEU G 17 51.41 32.30 -7.64
C LEU G 17 52.82 31.80 -7.95
N VAL G 18 53.14 30.60 -7.43
CA VAL G 18 54.39 29.89 -7.64
C VAL G 18 54.03 28.50 -8.17
N PRO G 19 54.51 28.10 -9.37
CA PRO G 19 54.24 26.72 -9.81
C PRO G 19 55.13 25.74 -9.04
N GLY G 20 54.84 24.45 -9.14
CA GLY G 20 55.66 23.46 -8.45
C GLY G 20 56.92 23.14 -9.22
N PRO G 21 57.85 22.32 -8.64
CA PRO G 21 59.08 21.93 -9.37
C PRO G 21 58.82 21.25 -10.73
N PRO G 22 59.77 21.30 -11.70
CA PRO G 22 59.48 20.78 -13.06
C PRO G 22 58.83 19.40 -13.16
N GLY G 23 59.16 18.48 -12.28
CA GLY G 23 58.58 17.15 -12.34
C GLY G 23 57.40 16.86 -11.42
N SER G 24 56.93 17.89 -10.64
CA SER G 24 55.86 17.75 -9.65
C SER G 24 54.55 17.31 -10.23
N SER G 25 53.72 16.66 -9.42
CA SER G 25 52.41 16.20 -9.88
C SER G 25 51.32 16.56 -8.87
N ARG G 26 50.06 16.40 -9.30
CA ARG G 26 48.90 16.71 -8.47
C ARG G 26 48.57 15.60 -7.47
N PRO G 27 48.00 15.98 -6.29
CA PRO G 27 47.58 14.96 -5.33
C PRO G 27 46.32 14.29 -5.81
N VAL G 28 46.10 13.03 -5.35
CA VAL G 28 44.92 12.23 -5.74
C VAL G 28 44.03 11.99 -4.50
N LYS G 29 42.74 11.75 -4.74
CA LYS G 29 41.74 11.51 -3.70
C LYS G 29 42.22 10.41 -2.75
N GLY G 30 42.17 10.70 -1.46
CA GLY G 30 42.57 9.77 -0.41
C GLY G 30 43.91 10.07 0.21
N GLN G 31 44.75 10.85 -0.48
CA GLN G 31 46.08 11.19 -0.01
C GLN G 31 46.02 12.16 1.15
N VAL G 32 46.94 12.04 2.10
CA VAL G 32 47.01 12.93 3.23
C VAL G 32 47.89 14.08 2.79
N VAL G 33 47.30 15.25 2.60
CA VAL G 33 48.01 16.43 2.15
C VAL G 33 48.27 17.37 3.32
N THR G 34 49.42 18.05 3.28
CA THR G 34 49.85 19.06 4.26
C THR G 34 49.97 20.38 3.53
N VAL G 35 49.28 21.40 4.02
CA VAL G 35 49.33 22.73 3.39
C VAL G 35 49.75 23.78 4.39
N HIS G 36 50.17 24.94 3.86
CA HIS G 36 50.51 26.16 4.58
C HIS G 36 49.42 27.13 4.13
N LEU G 37 48.46 27.43 5.02
CA LEU G 37 47.31 28.27 4.68
C LEU G 37 47.31 29.64 5.35
N GLN G 38 46.90 30.65 4.59
CA GLN G 38 46.71 32.03 5.04
C GLN G 38 45.30 32.45 4.64
N THR G 39 44.35 32.48 5.62
CA THR G 39 42.96 32.83 5.35
C THR G 39 42.71 34.30 5.67
N SER G 40 42.02 35.01 4.75
CA SER G 40 41.64 36.40 4.91
C SER G 40 40.25 36.62 4.33
N LEU G 41 39.53 37.63 4.87
CA LEU G 41 38.18 37.96 4.43
C LEU G 41 38.24 38.83 3.17
N GLU G 42 37.07 39.09 2.56
CA GLU G 42 36.93 39.87 1.33
C GLU G 42 37.50 41.29 1.48
N ASN G 43 37.43 41.87 2.71
CA ASN G 43 37.91 43.21 3.03
C ASN G 43 39.40 43.25 3.40
N GLY G 44 40.04 42.09 3.49
CA GLY G 44 41.47 41.97 3.77
C GLY G 44 41.84 41.60 5.20
N THR G 45 40.85 41.44 6.09
CA THR G 45 41.07 41.07 7.49
C THR G 45 41.54 39.61 7.56
N ARG G 46 42.71 39.37 8.19
CA ARG G 46 43.29 38.04 8.31
C ARG G 46 42.60 37.28 9.45
N VAL G 47 42.29 36.00 9.21
CA VAL G 47 41.60 35.14 10.18
C VAL G 47 42.63 34.38 10.99
N GLN G 48 43.52 33.62 10.30
CA GLN G 48 44.58 32.84 10.94
C GLN G 48 45.65 32.46 9.92
N GLU G 49 46.71 31.81 10.42
CA GLU G 49 47.82 31.27 9.65
C GLU G 49 48.12 29.88 10.20
N GLU G 50 48.10 28.88 9.31
CA GLU G 50 48.33 27.48 9.64
C GLU G 50 49.47 26.96 8.76
N PRO G 51 50.71 26.86 9.28
CA PRO G 51 51.80 26.37 8.42
C PRO G 51 51.74 24.86 8.18
N GLU G 52 51.04 24.12 9.03
CA GLU G 52 50.97 22.68 8.82
C GLU G 52 49.54 22.14 8.98
N LEU G 53 48.58 22.62 8.13
CA LEU G 53 47.23 22.04 8.16
C LEU G 53 47.29 20.68 7.40
N VAL G 54 46.88 19.59 8.06
CA VAL G 54 46.92 18.22 7.57
C VAL G 54 45.49 17.72 7.42
N PHE G 55 45.14 17.29 6.19
CA PHE G 55 43.80 16.78 5.91
C PHE G 55 43.86 15.78 4.77
N THR G 56 42.87 14.87 4.72
CA THR G 56 42.75 13.84 3.68
C THR G 56 41.91 14.41 2.54
N LEU G 57 42.45 14.39 1.33
CA LEU G 57 41.82 14.91 0.12
C LEU G 57 40.54 14.15 -0.23
N GLY G 58 39.46 14.89 -0.41
CA GLY G 58 38.15 14.35 -0.76
C GLY G 58 37.29 13.91 0.40
N ASP G 59 37.78 14.08 1.66
CA ASP G 59 37.11 13.72 2.91
C ASP G 59 36.33 14.89 3.56
N CYS G 60 36.51 16.14 3.06
CA CYS G 60 35.90 17.38 3.54
C CYS G 60 36.09 17.57 5.05
N ASP G 61 37.34 17.42 5.49
CA ASP G 61 37.78 17.55 6.86
C ASP G 61 37.65 18.97 7.38
N VAL G 62 37.96 19.97 6.53
CA VAL G 62 37.97 21.36 6.99
C VAL G 62 36.86 22.14 6.28
N ILE G 63 37.08 22.50 4.99
CA ILE G 63 36.13 23.22 4.17
C ILE G 63 36.13 22.66 2.76
N GLN G 64 34.98 22.71 2.06
CA GLN G 64 34.82 22.25 0.69
C GLN G 64 35.79 22.93 -0.27
N ALA G 65 36.06 24.24 -0.08
CA ALA G 65 36.95 25.07 -0.88
C ALA G 65 38.32 24.41 -1.05
N LEU G 66 38.88 23.84 0.04
CA LEU G 66 40.17 23.14 0.00
C LEU G 66 40.11 21.84 -0.79
N ASP G 67 39.08 21.03 -0.61
CA ASP G 67 38.94 19.74 -1.32
C ASP G 67 38.66 19.92 -2.81
N LEU G 68 38.15 21.09 -3.21
CA LEU G 68 37.81 21.40 -4.59
C LEU G 68 38.95 22.11 -5.34
N SER G 69 39.81 22.82 -4.63
CA SER G 69 40.89 23.56 -5.25
C SER G 69 42.28 22.87 -5.16
N VAL G 70 42.58 22.18 -4.06
CA VAL G 70 43.88 21.53 -3.83
C VAL G 70 44.15 20.41 -4.90
N PRO G 71 43.15 19.63 -5.40
CA PRO G 71 43.48 18.60 -6.43
C PRO G 71 43.95 19.22 -7.76
N LEU G 72 43.77 20.55 -7.92
CA LEU G 72 44.18 21.32 -9.10
C LEU G 72 45.55 21.98 -8.89
N MET G 73 46.26 21.62 -7.80
CA MET G 73 47.59 22.14 -7.48
C MET G 73 48.60 21.04 -7.50
N ASP G 74 49.84 21.34 -7.96
CA ASP G 74 50.95 20.39 -7.93
C ASP G 74 51.63 20.43 -6.58
N VAL G 75 52.33 19.35 -6.17
CA VAL G 75 53.03 19.33 -4.88
C VAL G 75 54.20 20.31 -4.97
N GLY G 76 54.06 21.40 -4.20
CA GLY G 76 55.04 22.47 -4.15
C GLY G 76 54.46 23.78 -4.64
N GLU G 77 53.31 23.70 -5.34
CA GLU G 77 52.62 24.88 -5.87
C GLU G 77 52.04 25.77 -4.79
N THR G 78 52.16 27.11 -4.96
CA THR G 78 51.53 28.14 -4.15
C THR G 78 50.48 28.81 -5.02
N ALA G 79 49.24 28.87 -4.55
CA ALA G 79 48.14 29.49 -5.30
C ALA G 79 47.28 30.29 -4.38
N MET G 80 46.50 31.18 -4.98
CA MET G 80 45.55 32.04 -4.31
C MET G 80 44.17 31.55 -4.72
N VAL G 81 43.28 31.28 -3.76
CA VAL G 81 41.94 30.78 -4.06
C VAL G 81 40.91 31.70 -3.45
N THR G 82 39.99 32.25 -4.27
CA THR G 82 38.91 33.09 -3.73
C THR G 82 37.72 32.19 -3.76
N ALA G 83 37.07 32.02 -2.59
CA ALA G 83 35.93 31.12 -2.48
C ALA G 83 34.73 31.79 -1.80
N ASP G 84 33.51 31.52 -2.32
CA ASP G 84 32.26 31.98 -1.75
C ASP G 84 32.02 31.25 -0.44
N SER G 85 31.22 31.85 0.49
CA SER G 85 30.91 31.29 1.81
C SER G 85 30.32 29.89 1.77
N LYS G 86 29.59 29.52 0.71
CA LYS G 86 28.95 28.19 0.58
C LYS G 86 29.97 27.06 0.50
N TYR G 87 31.23 27.34 0.09
CA TYR G 87 32.30 26.34 0.02
C TYR G 87 33.21 26.47 1.25
N CYS G 88 32.89 27.43 2.13
CA CYS G 88 33.67 27.75 3.32
C CYS G 88 32.89 27.53 4.62
N TYR G 89 32.64 28.60 5.39
CA TYR G 89 32.00 28.51 6.70
C TYR G 89 30.50 28.87 6.68
N GLY G 90 29.94 29.02 5.47
CA GLY G 90 28.52 29.23 5.22
C GLY G 90 27.74 30.30 5.95
N PRO G 91 26.41 30.10 6.08
CA PRO G 91 25.52 31.12 6.69
C PRO G 91 25.74 31.41 8.17
N GLN G 92 26.38 30.52 8.93
CA GLN G 92 26.58 30.75 10.36
C GLN G 92 28.01 31.17 10.71
N GLY G 93 29.00 30.83 9.88
CA GLY G 93 30.41 31.16 10.12
C GLY G 93 31.07 30.25 11.14
N ARG G 94 32.20 30.65 11.77
CA ARG G 94 32.87 29.80 12.79
C ARG G 94 33.32 30.58 14.03
N SER G 95 33.46 29.86 15.21
CA SER G 95 33.90 30.31 16.54
C SER G 95 35.35 30.85 16.47
N PRO G 96 36.41 30.17 15.91
CA PRO G 96 37.69 30.88 15.65
C PRO G 96 37.37 31.80 14.46
N TYR G 97 36.77 32.94 14.81
CA TYR G 97 35.91 33.91 14.20
C TYR G 97 36.12 34.20 12.72
N ILE G 98 35.02 33.89 11.99
CA ILE G 98 34.67 34.15 10.61
C ILE G 98 33.16 34.54 10.63
N PRO G 99 32.82 35.76 10.13
CA PRO G 99 31.41 36.17 10.10
C PRO G 99 30.55 35.32 9.17
N PRO G 100 29.20 35.29 9.34
CA PRO G 100 28.35 34.56 8.38
C PRO G 100 28.46 35.13 6.99
N HIS G 101 28.17 34.32 5.97
CA HIS G 101 28.21 34.62 4.55
C HIS G 101 29.53 35.35 4.14
N ALA G 102 30.68 34.94 4.74
CA ALA G 102 31.99 35.56 4.48
C ALA G 102 32.76 34.83 3.38
N ALA G 103 32.98 35.54 2.26
CA ALA G 103 33.78 35.04 1.13
C ALA G 103 35.24 35.06 1.57
N LEU G 104 36.00 34.01 1.28
CA LEU G 104 37.38 33.94 1.75
C LEU G 104 38.41 33.94 0.63
N CYS G 105 39.61 34.45 0.96
CA CYS G 105 40.81 34.44 0.13
C CYS G 105 41.79 33.54 0.85
N LEU G 106 42.07 32.40 0.25
CA LEU G 106 42.94 31.38 0.81
C LEU G 106 44.25 31.33 0.05
N GLU G 107 45.35 31.74 0.67
CA GLU G 107 46.66 31.65 0.02
C GLU G 107 47.24 30.35 0.48
N VAL G 108 47.24 29.32 -0.37
CA VAL G 108 47.66 27.97 0.02
C VAL G 108 48.93 27.50 -0.77
N THR G 109 49.84 26.80 -0.06
CA THR G 109 51.09 26.22 -0.53
C THR G 109 51.00 24.75 -0.24
N LEU G 110 50.90 23.92 -1.28
CA LEU G 110 50.83 22.48 -1.10
C LEU G 110 52.22 21.99 -0.79
N LYS G 111 52.45 21.56 0.44
CA LYS G 111 53.78 21.15 0.89
C LYS G 111 54.07 19.71 0.54
N THR G 112 53.26 18.77 1.03
CA THR G 112 53.45 17.35 0.78
C THR G 112 52.13 16.67 0.48
N ALA G 113 52.21 15.46 -0.14
CA ALA G 113 51.08 14.61 -0.44
C ALA G 113 51.57 13.17 -0.37
N VAL G 114 51.14 12.43 0.68
CA VAL G 114 51.56 11.05 0.88
C VAL G 114 50.34 10.16 0.74
N ASP G 115 50.53 8.90 0.34
CA ASP G 115 49.42 7.98 0.17
C ASP G 115 48.64 7.81 1.48
N GLY G 116 47.32 7.72 1.36
CA GLY G 116 46.42 7.54 2.49
C GLY G 116 46.72 6.29 3.28
N PRO G 117 46.45 6.29 4.60
CA PRO G 117 46.76 5.09 5.41
C PRO G 117 45.85 3.92 5.07
N ASP G 118 46.39 2.69 5.16
CA ASP G 118 45.58 1.49 5.00
C ASP G 118 44.91 1.30 6.34
N LEU G 119 43.61 1.63 6.42
CA LEU G 119 42.81 1.56 7.64
C LEU G 119 42.93 0.19 8.31
N GLU G 120 43.02 -0.88 7.50
CA GLU G 120 43.15 -2.27 7.93
C GLU G 120 44.57 -2.61 8.45
N MET G 121 45.52 -1.68 8.33
CA MET G 121 46.91 -1.88 8.79
C MET G 121 47.29 -0.89 9.90
N LEU G 122 46.33 -0.08 10.37
CA LEU G 122 46.56 0.90 11.43
C LEU G 122 46.74 0.22 12.79
N THR G 123 47.58 0.81 13.66
CA THR G 123 47.76 0.31 15.01
C THR G 123 46.59 0.87 15.86
N GLY G 124 46.35 0.29 17.04
CA GLY G 124 45.33 0.74 17.98
C GLY G 124 45.48 2.21 18.33
N GLN G 125 46.74 2.65 18.61
CA GLN G 125 47.08 4.03 18.94
C GLN G 125 46.77 4.99 17.78
N GLU G 126 47.12 4.58 16.53
CA GLU G 126 46.90 5.37 15.30
C GLU G 126 45.41 5.45 14.97
N ARG G 127 44.69 4.34 15.23
CA ARG G 127 43.25 4.18 15.01
C ARG G 127 42.49 5.13 15.90
N VAL G 128 42.95 5.32 17.15
CA VAL G 128 42.39 6.22 18.15
C VAL G 128 42.60 7.67 17.67
N ALA G 129 43.83 8.02 17.26
CA ALA G 129 44.23 9.35 16.79
C ALA G 129 43.51 9.76 15.49
N LEU G 130 43.29 8.81 14.54
CA LEU G 130 42.61 9.14 13.30
C LEU G 130 41.10 9.36 13.56
N ALA G 131 40.46 8.45 14.34
CA ALA G 131 39.04 8.52 14.69
C ALA G 131 38.75 9.78 15.47
N ASN G 132 39.65 10.19 16.37
CA ASN G 132 39.46 11.40 17.17
C ASN G 132 39.60 12.64 16.31
N ARG G 133 40.47 12.62 15.30
CA ARG G 133 40.67 13.74 14.38
C ARG G 133 39.41 13.94 13.52
N LYS G 134 38.83 12.85 13.02
CA LYS G 134 37.62 12.90 12.20
C LYS G 134 36.43 13.37 13.05
N ARG G 135 36.37 12.92 14.33
CA ARG G 135 35.36 13.30 15.32
C ARG G 135 35.46 14.80 15.59
N GLU G 136 36.70 15.33 15.69
CA GLU G 136 36.89 16.77 15.93
C GLU G 136 36.48 17.59 14.70
N CYS G 137 36.65 17.02 13.50
CA CYS G 137 36.26 17.65 12.24
C CYS G 137 34.74 17.73 12.19
N GLY G 138 34.07 16.58 12.38
CA GLY G 138 32.61 16.48 12.45
C GLY G 138 32.01 17.46 13.44
N ASN G 139 32.63 17.57 14.63
CA ASN G 139 32.19 18.50 15.69
C ASN G 139 32.23 19.95 15.19
N ALA G 140 33.30 20.34 14.47
CA ALA G 140 33.47 21.71 13.94
C ALA G 140 32.39 22.04 12.90
N HIS G 141 32.00 21.07 12.07
CA HIS G 141 30.95 21.24 11.06
C HIS G 141 29.59 21.35 11.71
N TYR G 142 29.37 20.53 12.76
CA TYR G 142 28.12 20.48 13.52
C TYR G 142 27.84 21.80 14.20
N GLN G 143 28.83 22.41 14.88
CA GLN G 143 28.69 23.71 15.56
C GLN G 143 28.23 24.82 14.59
N ARG G 144 28.64 24.71 13.32
CA ARG G 144 28.38 25.64 12.20
C ARG G 144 27.01 25.33 11.51
N ALA G 145 26.37 24.22 11.90
CA ALA G 145 25.08 23.68 11.40
C ALA G 145 25.20 23.10 9.97
N ASP G 146 26.37 22.53 9.68
CA ASP G 146 26.63 21.82 8.43
C ASP G 146 26.56 20.37 8.83
N PHE G 147 25.34 19.84 8.80
CA PHE G 147 25.01 18.51 9.28
C PHE G 147 25.32 17.46 8.23
N VAL G 148 25.32 17.83 6.95
CA VAL G 148 25.70 16.91 5.87
C VAL G 148 27.22 16.57 6.02
N LEU G 149 28.06 17.59 6.28
CA LEU G 149 29.51 17.42 6.43
C LEU G 149 29.85 16.77 7.78
N ALA G 150 29.15 17.21 8.87
CA ALA G 150 29.33 16.64 10.21
C ALA G 150 29.08 15.13 10.15
N ALA G 151 27.94 14.70 9.55
CA ALA G 151 27.60 13.27 9.41
C ALA G 151 28.67 12.51 8.64
N ASN G 152 29.19 13.12 7.55
CA ASN G 152 30.23 12.49 6.73
C ASN G 152 31.51 12.20 7.55
N SER G 153 31.99 13.21 8.29
CA SER G 153 33.18 13.10 9.13
C SER G 153 32.98 12.09 10.26
N TYR G 154 31.74 11.95 10.85
CA TYR G 154 31.46 10.96 11.90
C TYR G 154 31.44 9.59 11.33
N ASP G 155 30.87 9.42 10.12
CA ASP G 155 30.92 8.09 9.45
C ASP G 155 32.39 7.67 9.13
N LEU G 156 33.28 8.61 8.81
CA LEU G 156 34.67 8.28 8.47
C LEU G 156 35.41 7.87 9.74
N ALA G 157 35.15 8.55 10.86
CA ALA G 157 35.62 8.20 12.21
C ALA G 157 35.20 6.76 12.53
N ILE G 158 33.93 6.40 12.31
CA ILE G 158 33.41 5.05 12.59
C ILE G 158 34.11 4.00 11.70
N LYS G 159 34.21 4.27 10.38
CA LYS G 159 34.83 3.38 9.39
C LYS G 159 36.29 3.08 9.77
N ALA G 160 36.97 4.07 10.36
CA ALA G 160 38.36 3.99 10.82
C ALA G 160 38.50 3.13 12.10
N ILE G 161 37.44 3.11 12.96
CA ILE G 161 37.39 2.31 14.19
C ILE G 161 37.12 0.82 13.85
N THR G 162 36.11 0.56 13.01
CA THR G 162 35.59 -0.75 12.66
C THR G 162 36.41 -1.55 11.63
N SER G 163 37.40 -0.94 10.96
CA SER G 163 38.21 -1.68 9.98
C SER G 163 39.47 -2.24 10.65
N SER G 164 39.28 -3.13 11.65
CA SER G 164 40.34 -3.71 12.48
C SER G 164 40.42 -5.24 12.42
N ALA G 165 39.83 -5.87 11.39
CA ALA G 165 39.80 -7.33 11.24
C ALA G 165 41.18 -8.00 11.04
N LYS G 166 42.23 -7.24 10.64
CA LYS G 166 43.55 -7.81 10.35
C LYS G 166 44.68 -7.29 11.29
N VAL G 167 44.35 -6.50 12.32
CA VAL G 167 45.35 -6.02 13.28
C VAL G 167 44.96 -6.48 14.68
N ASP G 168 45.95 -6.93 15.48
CA ASP G 168 45.74 -7.39 16.84
C ASP G 168 46.04 -6.27 17.83
N MET G 169 44.97 -5.72 18.42
CA MET G 169 45.02 -4.64 19.42
C MET G 169 44.85 -5.24 20.81
N THR G 170 45.27 -4.49 21.85
CA THR G 170 45.13 -4.94 23.24
C THR G 170 43.66 -4.75 23.67
N PHE G 171 43.27 -5.32 24.83
CA PHE G 171 41.89 -5.18 25.33
C PHE G 171 41.59 -3.71 25.66
N GLU G 172 42.56 -3.04 26.28
CA GLU G 172 42.51 -1.63 26.68
C GLU G 172 42.26 -0.72 25.47
N GLU G 173 42.84 -1.05 24.31
CA GLU G 173 42.69 -0.36 23.03
C GLU G 173 41.28 -0.57 22.46
N GLU G 174 40.79 -1.83 22.48
CA GLU G 174 39.46 -2.22 22.00
C GLU G 174 38.37 -1.46 22.77
N ALA G 175 38.49 -1.41 24.13
CA ALA G 175 37.57 -0.73 25.03
C ALA G 175 37.55 0.79 24.77
N GLN G 176 38.75 1.39 24.62
CA GLN G 176 38.93 2.82 24.31
C GLN G 176 38.25 3.18 22.97
N LEU G 177 38.38 2.29 21.97
CA LEU G 177 37.81 2.49 20.64
C LEU G 177 36.29 2.27 20.64
N LEU G 178 35.77 1.43 21.57
CA LEU G 178 34.34 1.18 21.75
C LEU G 178 33.70 2.43 22.30
N GLN G 179 34.38 3.07 23.27
CA GLN G 179 33.92 4.33 23.88
C GLN G 179 33.84 5.44 22.85
N LEU G 180 34.76 5.44 21.89
CA LEU G 180 34.85 6.42 20.82
C LEU G 180 33.79 6.19 19.78
N LYS G 181 33.52 4.92 19.43
CA LYS G 181 32.51 4.53 18.46
C LYS G 181 31.11 4.98 18.90
N VAL G 182 30.76 4.81 20.20
CA VAL G 182 29.47 5.19 20.81
C VAL G 182 29.34 6.71 20.72
N LYS G 183 30.42 7.47 21.03
CA LYS G 183 30.41 8.93 20.95
C LYS G 183 30.18 9.39 19.49
N CYS G 184 30.83 8.71 18.51
CA CYS G 184 30.70 9.04 17.08
C CYS G 184 29.31 8.69 16.56
N LEU G 185 28.73 7.54 16.99
CA LEU G 185 27.39 7.09 16.58
C LEU G 185 26.30 8.01 17.13
N ASN G 186 26.49 8.52 18.35
CA ASN G 186 25.58 9.43 19.02
C ASN G 186 25.64 10.79 18.34
N ASN G 187 26.85 11.21 17.89
CA ASN G 187 27.12 12.44 17.15
C ASN G 187 26.51 12.34 15.75
N LEU G 188 26.58 11.14 15.14
CA LEU G 188 25.99 10.83 13.84
C LEU G 188 24.47 10.95 13.98
N ALA G 189 23.92 10.48 15.13
CA ALA G 189 22.48 10.54 15.44
C ALA G 189 22.00 11.98 15.55
N ALA G 190 22.76 12.84 16.21
CA ALA G 190 22.45 14.26 16.35
C ALA G 190 22.43 14.95 15.00
N SER G 191 23.29 14.49 14.07
CA SER G 191 23.44 15.05 12.73
C SER G 191 22.30 14.61 11.82
N GLN G 192 21.98 13.30 11.78
CA GLN G 192 20.91 12.75 10.96
C GLN G 192 19.53 13.29 11.36
N LEU G 193 19.27 13.44 12.67
CA LEU G 193 18.01 14.00 13.23
C LEU G 193 17.79 15.43 12.69
N LYS G 194 18.88 16.21 12.60
CA LYS G 194 18.83 17.58 12.06
C LYS G 194 18.52 17.59 10.55
N LEU G 195 18.80 16.48 9.85
CA LEU G 195 18.57 16.32 8.42
C LEU G 195 17.29 15.56 8.13
N ASP G 196 16.48 15.34 9.16
CA ASP G 196 15.23 14.58 9.13
C ASP G 196 15.44 13.18 8.56
N HIS G 197 16.67 12.62 8.70
CA HIS G 197 16.89 11.25 8.23
C HIS G 197 16.62 10.34 9.44
N TYR G 198 15.34 10.25 9.77
CA TYR G 198 14.74 9.57 10.90
C TYR G 198 15.09 8.09 10.98
N ARG G 199 14.98 7.34 9.87
CA ARG G 199 15.30 5.92 9.84
C ARG G 199 16.77 5.65 10.18
N ALA G 200 17.70 6.51 9.70
CA ALA G 200 19.13 6.36 9.97
C ALA G 200 19.45 6.81 11.39
N ALA G 201 18.92 7.98 11.83
CA ALA G 201 19.11 8.50 13.18
C ALA G 201 18.69 7.46 14.23
N LEU G 202 17.61 6.72 13.94
CA LEU G 202 17.05 5.66 14.79
C LEU G 202 18.02 4.51 14.93
N ARG G 203 18.67 4.09 13.81
CA ARG G 203 19.66 3.01 13.78
C ARG G 203 20.86 3.38 14.66
N SER G 204 21.39 4.60 14.49
CA SER G 204 22.49 5.19 15.24
C SER G 204 22.16 5.25 16.73
N CYS G 205 20.93 5.69 17.07
CA CYS G 205 20.40 5.79 18.44
C CYS G 205 20.31 4.42 19.08
N SER G 206 19.74 3.44 18.37
CA SER G 206 19.57 2.06 18.85
C SER G 206 20.90 1.34 19.06
N LEU G 207 21.93 1.64 18.23
CA LEU G 207 23.26 1.04 18.37
C LEU G 207 23.96 1.59 19.60
N VAL G 208 23.82 2.89 19.86
CA VAL G 208 24.38 3.52 21.07
C VAL G 208 23.74 2.92 22.32
N LEU G 209 22.41 2.74 22.31
CA LEU G 209 21.66 2.24 23.47
C LEU G 209 21.89 0.76 23.71
N GLU G 210 22.41 0.03 22.72
CA GLU G 210 22.77 -1.37 22.88
C GLU G 210 24.03 -1.47 23.71
N HIS G 211 24.92 -0.45 23.62
CA HIS G 211 26.17 -0.39 24.38
C HIS G 211 25.96 0.32 25.70
N GLN G 212 25.20 1.42 25.69
CA GLN G 212 24.92 2.24 26.86
C GLN G 212 23.41 2.51 26.97
N PRO G 213 22.64 1.59 27.63
CA PRO G 213 21.17 1.77 27.72
C PRO G 213 20.69 2.96 28.55
N ASP G 214 21.56 3.61 29.34
CA ASP G 214 21.20 4.80 30.13
C ASP G 214 21.88 6.07 29.61
N ASN G 215 22.14 6.11 28.29
CA ASN G 215 22.72 7.28 27.61
C ASN G 215 21.58 8.26 27.38
N ILE G 216 21.55 9.36 28.14
CA ILE G 216 20.49 10.34 28.13
C ILE G 216 20.34 11.00 26.75
N LYS G 217 21.47 11.29 26.05
CA LYS G 217 21.45 11.93 24.73
C LYS G 217 20.83 11.01 23.71
N ALA G 218 21.21 9.74 23.71
CA ALA G 218 20.66 8.75 22.76
C ALA G 218 19.19 8.48 23.04
N LEU G 219 18.76 8.50 24.33
CA LEU G 219 17.36 8.31 24.71
C LEU G 219 16.52 9.49 24.22
N PHE G 220 16.97 10.73 24.51
CA PHE G 220 16.27 11.94 24.09
C PHE G 220 16.17 12.03 22.56
N ARG G 221 17.26 11.71 21.84
CA ARG G 221 17.27 11.76 20.37
C ARG G 221 16.37 10.66 19.78
N LYS G 222 16.30 9.49 20.41
CA LYS G 222 15.43 8.41 19.90
C LYS G 222 13.96 8.81 20.09
N GLY G 223 13.63 9.42 21.24
CA GLY G 223 12.31 9.91 21.57
C GLY G 223 11.87 11.03 20.66
N LYS G 224 12.74 12.05 20.46
CA LYS G 224 12.51 13.19 19.57
C LYS G 224 12.26 12.73 18.13
N VAL G 225 12.99 11.68 17.65
CA VAL G 225 12.81 11.10 16.31
C VAL G 225 11.45 10.39 16.26
N LEU G 226 11.14 9.58 17.28
CA LEU G 226 9.87 8.84 17.37
C LEU G 226 8.67 9.78 17.45
N ALA G 227 8.85 10.94 18.09
CA ALA G 227 7.84 11.99 18.23
C ALA G 227 7.60 12.70 16.91
N GLN G 228 8.68 13.01 16.18
CA GLN G 228 8.61 13.72 14.89
C GLN G 228 8.06 12.81 13.78
N GLN G 229 8.20 11.48 13.95
CA GLN G 229 7.65 10.48 13.04
C GLN G 229 6.15 10.28 13.27
N GLY G 230 5.66 10.68 14.45
CA GLY G 230 4.26 10.54 14.85
C GLY G 230 3.97 9.33 15.73
N GLU G 231 5.04 8.61 16.16
CA GLU G 231 4.96 7.42 17.03
C GLU G 231 5.01 7.90 18.49
N TYR G 232 3.95 8.61 18.90
CA TYR G 232 3.78 9.22 20.23
C TYR G 232 3.74 8.18 21.33
N SER G 233 3.10 7.01 21.06
CA SER G 233 2.95 5.88 21.97
C SER G 233 4.30 5.26 22.35
N GLU G 234 5.26 5.26 21.40
CA GLU G 234 6.60 4.72 21.62
C GLU G 234 7.56 5.79 22.16
N ALA G 235 7.33 7.07 21.84
CA ALA G 235 8.20 8.18 22.22
C ALA G 235 8.10 8.59 23.69
N ILE G 236 6.88 8.61 24.27
CA ILE G 236 6.63 9.08 25.63
C ILE G 236 7.38 8.20 26.69
N PRO G 237 7.39 6.83 26.70
CA PRO G 237 8.16 6.12 27.72
C PRO G 237 9.68 6.37 27.60
N ILE G 238 10.21 6.49 26.37
CA ILE G 238 11.62 6.73 26.11
C ILE G 238 11.99 8.14 26.59
N LEU G 239 11.16 9.18 26.26
CA LEU G 239 11.41 10.56 26.71
C LEU G 239 11.27 10.67 28.23
N ARG G 240 10.42 9.80 28.84
CA ARG G 240 10.24 9.77 30.29
C ARG G 240 11.46 9.08 30.94
N ALA G 241 11.94 7.97 30.35
CA ALA G 241 13.15 7.25 30.81
C ALA G 241 14.37 8.18 30.88
N ALA G 242 14.47 9.15 29.94
CA ALA G 242 15.52 10.17 29.89
C ALA G 242 15.32 11.19 31.00
N LEU G 243 14.04 11.60 31.25
CA LEU G 243 13.68 12.56 32.31
C LEU G 243 13.94 11.94 33.67
N LYS G 244 13.79 10.60 33.80
CA LYS G 244 14.05 9.86 35.04
C LYS G 244 15.52 10.02 35.47
N LEU G 245 16.46 10.22 34.52
CA LEU G 245 17.89 10.38 34.76
C LEU G 245 18.24 11.84 35.09
N GLU G 246 17.47 12.80 34.57
CA GLU G 246 17.62 14.25 34.82
C GLU G 246 16.23 14.91 34.91
N PRO G 247 15.58 14.85 36.10
CA PRO G 247 14.21 15.39 36.22
C PRO G 247 14.10 16.91 36.08
N SER G 248 15.17 17.68 36.39
CA SER G 248 15.13 19.13 36.30
C SER G 248 15.39 19.69 34.87
N ASN G 249 15.84 18.82 33.92
CA ASN G 249 16.18 19.20 32.55
C ASN G 249 14.98 19.79 31.78
N LYS G 250 15.07 21.09 31.51
CA LYS G 250 14.08 21.92 30.82
C LYS G 250 13.82 21.48 29.38
N THR G 251 14.85 21.01 28.66
CA THR G 251 14.74 20.56 27.27
C THR G 251 13.87 19.30 27.16
N ILE G 252 14.05 18.34 28.07
CA ILE G 252 13.27 17.08 28.06
C ILE G 252 11.79 17.37 28.42
N HIS G 253 11.55 18.34 29.33
CA HIS G 253 10.21 18.76 29.75
C HIS G 253 9.46 19.37 28.58
N ALA G 254 10.12 20.35 27.90
CA ALA G 254 9.63 21.08 26.73
C ALA G 254 9.30 20.14 25.59
N GLU G 255 10.09 19.07 25.43
CA GLU G 255 9.89 18.05 24.41
C GLU G 255 8.68 17.19 24.75
N LEU G 256 8.52 16.81 26.02
CA LEU G 256 7.40 15.98 26.47
C LEU G 256 6.10 16.73 26.38
N SER G 257 6.09 17.99 26.86
CA SER G 257 4.92 18.86 26.85
C SER G 257 4.40 19.10 25.42
N LYS G 258 5.33 19.34 24.46
CA LYS G 258 5.04 19.56 23.03
C LYS G 258 4.38 18.31 22.44
N LEU G 259 4.92 17.13 22.78
CA LEU G 259 4.46 15.83 22.34
C LEU G 259 3.07 15.50 22.88
N VAL G 260 2.83 15.72 24.20
CA VAL G 260 1.54 15.39 24.82
C VAL G 260 0.44 16.35 24.29
N LYS G 261 0.78 17.64 24.04
CA LYS G 261 -0.11 18.69 23.52
C LYS G 261 -0.57 18.40 22.10
N LYS G 262 0.34 17.88 21.26
CA LYS G 262 0.09 17.50 19.86
C LYS G 262 -0.69 16.18 19.81
N HIS G 263 -0.43 15.27 20.76
CA HIS G 263 -1.10 13.97 20.89
C HIS G 263 -2.55 14.12 21.38
N ALA G 264 -2.76 14.97 22.40
CA ALA G 264 -4.09 15.21 22.99
C ALA G 264 -5.02 15.93 22.02
N ALA G 265 -4.44 16.72 21.08
CA ALA G 265 -5.16 17.49 20.06
C ALA G 265 -5.80 16.60 18.99
N GLN G 266 -5.08 15.55 18.53
CA GLN G 266 -5.53 14.61 17.50
C GLN G 266 -6.00 13.28 18.09
N GLU H 1 -2.56 8.43 -49.36
CA GLU H 1 -2.56 9.17 -50.62
C GLU H 1 -3.93 9.84 -50.88
N GLU H 2 -5.04 9.10 -50.66
CA GLU H 2 -6.41 9.59 -50.84
C GLU H 2 -7.33 8.94 -49.81
N TRP H 3 -8.52 9.52 -49.57
CA TRP H 3 -9.47 8.99 -48.60
C TRP H 3 -10.24 7.82 -49.20
N LEU H 4 -10.22 6.66 -48.54
CA LEU H 4 -10.98 5.50 -48.97
C LEU H 4 -12.30 5.49 -48.22
N ASP H 5 -13.41 5.50 -48.96
CA ASP H 5 -14.75 5.45 -48.40
C ASP H 5 -15.09 3.96 -48.33
N ILE H 6 -14.74 3.34 -47.18
CA ILE H 6 -14.84 1.91 -46.91
C ILE H 6 -16.25 1.33 -47.17
N LEU H 7 -17.28 1.89 -46.54
CA LEU H 7 -18.62 1.34 -46.66
C LEU H 7 -19.43 2.01 -47.79
N GLY H 8 -18.85 3.03 -48.42
CA GLY H 8 -19.48 3.77 -49.52
C GLY H 8 -20.46 4.85 -49.13
N ASN H 9 -20.78 4.97 -47.82
CA ASN H 9 -21.76 5.93 -47.27
C ASN H 9 -21.13 7.23 -46.70
N GLY H 10 -19.80 7.31 -46.68
CA GLY H 10 -19.05 8.45 -46.15
C GLY H 10 -18.95 8.48 -44.63
N LEU H 11 -19.45 7.43 -43.94
CA LEU H 11 -19.45 7.35 -42.48
C LEU H 11 -18.20 6.68 -41.89
N LEU H 12 -17.39 5.98 -42.72
CA LEU H 12 -16.18 5.31 -42.27
C LEU H 12 -15.12 5.46 -43.38
N ARG H 13 -14.26 6.48 -43.22
CA ARG H 13 -13.23 6.85 -44.20
C ARG H 13 -11.82 6.63 -43.65
N LYS H 14 -10.92 6.07 -44.49
CA LYS H 14 -9.53 5.75 -44.13
C LYS H 14 -8.52 6.44 -45.05
N LYS H 15 -7.50 7.06 -44.45
CA LYS H 15 -6.40 7.69 -45.18
C LYS H 15 -5.08 7.18 -44.61
N THR H 16 -4.23 6.59 -45.45
CA THR H 16 -2.92 6.06 -45.04
C THR H 16 -1.98 7.24 -44.85
N LEU H 17 -1.38 7.34 -43.65
CA LEU H 17 -0.45 8.42 -43.28
C LEU H 17 0.97 7.95 -43.57
N VAL H 18 1.32 6.78 -43.01
CA VAL H 18 2.60 6.12 -43.18
C VAL H 18 2.32 4.72 -43.71
N PRO H 19 2.82 4.33 -44.91
CA PRO H 19 2.60 2.96 -45.38
C PRO H 19 3.49 1.99 -44.60
N GLY H 20 3.16 0.70 -44.69
CA GLY H 20 3.93 -0.34 -44.02
C GLY H 20 5.21 -0.66 -44.75
N PRO H 21 6.13 -1.45 -44.14
CA PRO H 21 7.39 -1.83 -44.83
C PRO H 21 7.16 -2.54 -46.18
N PRO H 22 8.13 -2.48 -47.14
CA PRO H 22 7.90 -3.09 -48.47
C PRO H 22 7.33 -4.52 -48.53
N GLY H 23 7.67 -5.36 -47.56
CA GLY H 23 7.19 -6.74 -47.51
C GLY H 23 5.96 -7.01 -46.66
N SER H 24 5.42 -5.97 -45.97
CA SER H 24 4.28 -6.08 -45.05
C SER H 24 3.00 -6.60 -45.71
N SER H 25 2.20 -7.35 -44.93
CA SER H 25 0.95 -7.95 -45.35
C SER H 25 -0.21 -7.60 -44.39
N ARG H 26 -1.45 -7.63 -44.91
CA ARG H 26 -2.70 -7.31 -44.18
C ARG H 26 -3.07 -8.36 -43.09
N PRO H 27 -3.67 -7.98 -41.92
CA PRO H 27 -4.09 -9.00 -40.96
C PRO H 27 -5.37 -9.70 -41.44
N VAL H 28 -5.58 -10.95 -40.98
CA VAL H 28 -6.72 -11.77 -41.35
C VAL H 28 -7.61 -12.01 -40.11
N LYS H 29 -8.90 -12.29 -40.34
CA LYS H 29 -9.90 -12.55 -39.30
C LYS H 29 -9.40 -13.65 -38.35
N GLY H 30 -9.47 -13.36 -37.06
CA GLY H 30 -9.05 -14.27 -36.00
C GLY H 30 -7.70 -13.95 -35.40
N GLN H 31 -6.86 -13.17 -36.11
CA GLN H 31 -5.54 -12.79 -35.63
C GLN H 31 -5.63 -11.82 -34.46
N VAL H 32 -4.71 -11.94 -33.51
CA VAL H 32 -4.64 -11.02 -32.38
C VAL H 32 -3.76 -9.86 -32.82
N VAL H 33 -4.38 -8.70 -33.01
CA VAL H 33 -3.67 -7.51 -33.45
C VAL H 33 -3.41 -6.57 -32.27
N THR H 34 -2.26 -5.88 -32.31
CA THR H 34 -1.85 -4.87 -31.32
C THR H 34 -1.74 -3.56 -32.05
N VAL H 35 -2.43 -2.53 -31.56
CA VAL H 35 -2.39 -1.21 -32.19
C VAL H 35 -2.01 -0.13 -31.18
N HIS H 36 -1.55 1.03 -31.68
CA HIS H 36 -1.32 2.28 -30.95
C HIS H 36 -2.41 3.21 -31.45
N LEU H 37 -3.39 3.49 -30.59
CA LEU H 37 -4.55 4.29 -30.98
C LEU H 37 -4.56 5.67 -30.31
N GLN H 38 -4.81 6.69 -31.13
CA GLN H 38 -4.99 8.08 -30.71
C GLN H 38 -6.39 8.48 -31.15
N THR H 39 -7.33 8.51 -30.18
CA THR H 39 -8.73 8.84 -30.42
C THR H 39 -8.98 10.30 -30.08
N SER H 40 -9.68 11.00 -30.98
CA SER H 40 -10.06 12.38 -30.78
C SER H 40 -11.46 12.62 -31.33
N LEU H 41 -12.15 13.57 -30.72
CA LEU H 41 -13.52 13.93 -31.09
C LEU H 41 -13.51 14.86 -32.28
N GLU H 42 -14.72 15.14 -32.81
CA GLU H 42 -14.94 16.04 -33.95
C GLU H 42 -14.40 17.46 -33.70
N ASN H 43 -14.38 17.93 -32.43
CA ASN H 43 -13.90 19.26 -32.03
C ASN H 43 -12.37 19.29 -31.72
N GLY H 44 -11.73 18.13 -31.75
CA GLY H 44 -10.29 18.02 -31.50
C GLY H 44 -9.86 17.54 -30.13
N THR H 45 -10.82 17.32 -29.22
CA THR H 45 -10.56 16.83 -27.85
C THR H 45 -10.13 15.37 -27.88
N ARG H 46 -9.06 15.03 -27.13
CA ARG H 46 -8.56 13.66 -27.01
C ARG H 46 -9.27 12.96 -25.88
N VAL H 47 -9.51 11.67 -26.10
CA VAL H 47 -10.32 10.77 -25.30
C VAL H 47 -9.72 10.40 -23.93
N GLN H 48 -8.40 10.18 -23.86
CA GLN H 48 -7.73 9.74 -22.62
C GLN H 48 -8.11 8.29 -22.33
N GLU H 49 -7.17 7.40 -22.69
CA GLU H 49 -7.23 5.95 -22.58
C GLU H 49 -5.81 5.39 -22.78
N GLU H 50 -5.62 4.07 -22.58
CA GLU H 50 -4.34 3.42 -22.81
C GLU H 50 -4.11 3.35 -24.34
N PRO H 51 -2.96 3.85 -24.85
CA PRO H 51 -2.73 3.86 -26.31
C PRO H 51 -2.51 2.45 -26.91
N GLU H 52 -1.81 1.54 -26.17
CA GLU H 52 -1.53 0.15 -26.58
C GLU H 52 -2.78 -0.69 -26.39
N LEU H 53 -3.30 -1.23 -27.49
CA LEU H 53 -4.56 -1.95 -27.48
C LEU H 53 -4.44 -3.28 -28.19
N VAL H 54 -4.85 -4.37 -27.52
CA VAL H 54 -4.79 -5.74 -28.03
C VAL H 54 -6.20 -6.28 -28.19
N PHE H 55 -6.55 -6.71 -29.41
CA PHE H 55 -7.87 -7.23 -29.69
C PHE H 55 -7.80 -8.24 -30.83
N THR H 56 -8.80 -9.14 -30.89
CA THR H 56 -8.91 -10.18 -31.91
C THR H 56 -9.76 -9.62 -33.05
N LEU H 57 -9.22 -9.66 -34.27
CA LEU H 57 -9.86 -9.15 -35.48
C LEU H 57 -11.14 -9.94 -35.81
N GLY H 58 -12.24 -9.20 -35.99
CA GLY H 58 -13.54 -9.75 -36.32
C GLY H 58 -14.38 -10.21 -35.13
N ASP H 59 -13.87 -10.01 -33.88
CA ASP H 59 -14.53 -10.40 -32.63
C ASP H 59 -15.33 -9.25 -31.97
N CYS H 60 -15.16 -8.00 -32.48
CA CYS H 60 -15.81 -6.76 -31.99
C CYS H 60 -15.59 -6.59 -30.48
N ASP H 61 -14.34 -6.73 -30.06
CA ASP H 61 -13.89 -6.59 -28.69
C ASP H 61 -14.04 -5.16 -28.18
N VAL H 62 -13.80 -4.15 -29.04
CA VAL H 62 -13.81 -2.75 -28.63
C VAL H 62 -14.93 -1.98 -29.35
N ILE H 63 -14.71 -1.63 -30.62
CA ILE H 63 -15.68 -0.88 -31.43
C ILE H 63 -15.67 -1.46 -32.85
N GLN H 64 -16.82 -1.40 -33.54
CA GLN H 64 -16.99 -1.86 -34.91
C GLN H 64 -16.02 -1.17 -35.87
N ALA H 65 -15.76 0.14 -35.67
CA ALA H 65 -14.86 0.97 -36.48
C ALA H 65 -13.48 0.31 -36.64
N LEU H 66 -12.92 -0.26 -35.55
CA LEU H 66 -11.63 -0.94 -35.58
C LEU H 66 -11.66 -2.24 -36.38
N ASP H 67 -12.70 -3.07 -36.19
CA ASP H 67 -12.83 -4.35 -36.91
C ASP H 67 -13.12 -4.18 -38.39
N LEU H 68 -13.63 -3.00 -38.79
CA LEU H 68 -13.97 -2.70 -40.17
C LEU H 68 -12.83 -2.01 -40.91
N SER H 69 -11.98 -1.25 -40.21
CA SER H 69 -10.89 -0.51 -40.83
C SER H 69 -9.52 -1.19 -40.74
N VAL H 70 -9.22 -1.89 -39.64
CA VAL H 70 -7.91 -2.52 -39.41
C VAL H 70 -7.62 -3.64 -40.47
N PRO H 71 -8.60 -4.43 -40.99
CA PRO H 71 -8.26 -5.44 -42.03
C PRO H 71 -7.78 -4.80 -43.34
N LEU H 72 -7.94 -3.46 -43.47
CA LEU H 72 -7.55 -2.67 -44.64
C LEU H 72 -6.18 -1.99 -44.43
N MET H 73 -5.46 -2.31 -43.32
CA MET H 73 -4.15 -1.77 -42.97
C MET H 73 -3.06 -2.80 -42.99
N ASP H 74 -1.86 -2.45 -43.49
CA ASP H 74 -0.69 -3.35 -43.49
C ASP H 74 -0.04 -3.36 -42.12
N VAL H 75 0.61 -4.48 -41.72
CA VAL H 75 1.31 -4.51 -40.43
C VAL H 75 2.48 -3.53 -40.52
N GLY H 76 2.38 -2.45 -39.76
CA GLY H 76 3.36 -1.37 -39.74
C GLY H 76 2.76 -0.08 -40.22
N GLU H 77 1.61 -0.15 -40.88
CA GLU H 77 0.93 1.02 -41.42
C GLU H 77 0.39 1.93 -40.30
N THR H 78 0.34 3.25 -40.58
CA THR H 78 -0.27 4.28 -39.74
C THR H 78 -1.33 4.93 -40.60
N ALA H 79 -2.61 4.85 -40.16
CA ALA H 79 -3.73 5.41 -40.88
C ALA H 79 -4.61 6.25 -40.00
N MET H 80 -5.34 7.16 -40.62
CA MET H 80 -6.30 8.04 -39.98
C MET H 80 -7.67 7.53 -40.40
N VAL H 81 -8.56 7.24 -39.44
CA VAL H 81 -9.91 6.73 -39.73
C VAL H 81 -10.94 7.66 -39.13
N THR H 82 -11.86 8.17 -39.96
CA THR H 82 -12.95 9.01 -39.47
C THR H 82 -14.16 8.12 -39.42
N ALA H 83 -14.76 7.99 -38.23
CA ALA H 83 -15.90 7.09 -38.10
C ALA H 83 -17.09 7.77 -37.43
N ASP H 84 -18.30 7.48 -37.93
CA ASP H 84 -19.55 7.96 -37.36
C ASP H 84 -19.79 7.22 -36.04
N SER H 85 -20.57 7.82 -35.11
CA SER H 85 -20.88 7.26 -33.79
C SER H 85 -21.45 5.85 -33.81
N LYS H 86 -22.20 5.48 -34.87
CA LYS H 86 -22.83 4.17 -34.99
C LYS H 86 -21.81 3.01 -35.07
N TYR H 87 -20.57 3.29 -35.51
CA TYR H 87 -19.51 2.28 -35.57
C TYR H 87 -18.58 2.39 -34.37
N CYS H 88 -18.88 3.36 -33.48
CA CYS H 88 -18.10 3.69 -32.31
C CYS H 88 -18.87 3.46 -30.99
N TYR H 89 -19.12 4.52 -30.22
CA TYR H 89 -19.75 4.41 -28.90
C TYR H 89 -21.25 4.78 -28.91
N GLY H 90 -21.81 4.94 -30.11
CA GLY H 90 -23.23 5.16 -30.36
C GLY H 90 -23.98 6.26 -29.63
N PRO H 91 -25.33 6.05 -29.52
CA PRO H 91 -26.20 7.07 -28.91
C PRO H 91 -26.03 7.30 -27.42
N GLN H 92 -25.44 6.38 -26.67
CA GLN H 92 -25.28 6.59 -25.23
C GLN H 92 -23.88 7.09 -24.84
N GLY H 93 -22.89 6.85 -25.69
CA GLY H 93 -21.52 7.24 -25.37
C GLY H 93 -20.91 6.22 -24.44
N ARG H 94 -19.79 6.53 -23.79
CA ARG H 94 -19.12 5.52 -22.96
C ARG H 94 -18.65 6.06 -21.59
N SER H 95 -18.38 5.13 -20.63
CA SER H 95 -17.82 5.42 -19.30
C SER H 95 -16.31 5.73 -19.46
N PRO H 96 -15.40 4.92 -20.14
CA PRO H 96 -14.07 5.47 -20.50
C PRO H 96 -14.35 6.48 -21.63
N TYR H 97 -14.74 7.68 -21.19
CA TYR H 97 -15.53 8.78 -21.70
C TYR H 97 -15.41 9.14 -23.16
N ILE H 98 -16.59 9.06 -23.79
CA ILE H 98 -16.96 9.48 -25.13
C ILE H 98 -18.41 10.00 -25.03
N PRO H 99 -18.68 11.25 -25.43
CA PRO H 99 -20.05 11.78 -25.37
C PRO H 99 -21.03 11.07 -26.31
N PRO H 100 -22.37 11.25 -26.14
CA PRO H 100 -23.34 10.60 -27.06
C PRO H 100 -23.26 11.15 -28.48
N HIS H 101 -23.50 10.28 -29.49
CA HIS H 101 -23.46 10.59 -30.93
C HIS H 101 -22.16 11.31 -31.36
N ALA H 102 -21.01 10.89 -30.79
CA ALA H 102 -19.72 11.50 -31.09
C ALA H 102 -19.00 10.77 -32.21
N ALA H 103 -18.76 11.50 -33.33
CA ALA H 103 -17.97 11.04 -34.46
C ALA H 103 -16.52 11.06 -34.01
N LEU H 104 -15.77 9.99 -34.33
CA LEU H 104 -14.39 9.90 -33.87
C LEU H 104 -13.37 9.91 -35.00
N CYS H 105 -12.19 10.45 -34.70
CA CYS H 105 -11.00 10.43 -35.55
C CYS H 105 -10.01 9.54 -34.86
N LEU H 106 -9.75 8.38 -35.45
CA LEU H 106 -8.87 7.37 -34.89
C LEU H 106 -7.54 7.32 -35.63
N GLU H 107 -6.43 7.62 -34.94
CA GLU H 107 -5.08 7.52 -35.51
C GLU H 107 -4.58 6.17 -35.11
N VAL H 108 -4.55 5.24 -36.06
CA VAL H 108 -4.17 3.85 -35.78
C VAL H 108 -2.82 3.52 -36.38
N THR H 109 -2.01 2.81 -35.61
CA THR H 109 -0.72 2.26 -36.02
C THR H 109 -0.81 0.78 -35.75
N LEU H 110 -0.90 -0.05 -36.80
CA LEU H 110 -0.98 -1.51 -36.63
C LEU H 110 0.44 -2.06 -36.36
N LYS H 111 0.78 -2.27 -35.07
CA LYS H 111 2.11 -2.70 -34.60
C LYS H 111 2.40 -4.14 -35.00
N THR H 112 1.58 -5.11 -34.51
CA THR H 112 1.78 -6.53 -34.80
C THR H 112 0.46 -7.21 -35.11
N ALA H 113 0.54 -8.40 -35.72
CA ALA H 113 -0.58 -9.28 -36.05
C ALA H 113 -0.07 -10.71 -36.00
N VAL H 114 -0.48 -11.46 -34.95
CA VAL H 114 -0.06 -12.84 -34.73
C VAL H 114 -1.26 -13.73 -34.88
N ASP H 115 -1.05 -14.99 -35.29
CA ASP H 115 -2.14 -15.93 -35.46
C ASP H 115 -2.92 -16.12 -34.15
N GLY H 116 -4.24 -16.25 -34.27
CA GLY H 116 -5.15 -16.44 -33.15
C GLY H 116 -4.81 -17.70 -32.36
N PRO H 117 -5.03 -17.72 -31.03
CA PRO H 117 -4.67 -18.91 -30.25
C PRO H 117 -5.55 -20.12 -30.58
N ASP H 118 -4.96 -21.32 -30.49
CA ASP H 118 -5.71 -22.55 -30.69
C ASP H 118 -6.40 -22.81 -29.35
N LEU H 119 -7.70 -22.51 -29.29
CA LEU H 119 -8.52 -22.63 -28.08
C LEU H 119 -8.36 -23.99 -27.41
N GLU H 120 -8.27 -25.12 -28.16
CA GLU H 120 -8.14 -26.45 -27.54
C GLU H 120 -6.69 -26.72 -27.05
N MET H 121 -5.72 -25.83 -27.39
CA MET H 121 -4.33 -25.97 -26.94
C MET H 121 -3.98 -24.98 -25.81
N LEU H 122 -4.97 -24.19 -25.33
CA LEU H 122 -4.76 -23.21 -24.26
C LEU H 122 -4.56 -23.89 -22.92
N THR H 123 -3.73 -23.29 -22.05
CA THR H 123 -3.53 -23.79 -20.70
C THR H 123 -4.70 -23.27 -19.85
N GLY H 124 -4.92 -23.88 -18.67
CA GLY H 124 -5.96 -23.46 -17.74
C GLY H 124 -5.85 -22.00 -17.37
N GLN H 125 -4.61 -21.54 -17.09
CA GLN H 125 -4.27 -20.15 -16.74
C GLN H 125 -4.60 -19.18 -17.90
N GLU H 126 -4.25 -19.57 -19.15
CA GLU H 126 -4.50 -18.78 -20.37
C GLU H 126 -5.98 -18.72 -20.70
N ARG H 127 -6.69 -19.85 -20.45
CA ARG H 127 -8.11 -20.02 -20.65
C ARG H 127 -8.90 -19.09 -19.75
N VAL H 128 -8.44 -18.91 -18.50
CA VAL H 128 -9.01 -18.03 -17.48
C VAL H 128 -8.83 -16.57 -17.95
N ALA H 129 -7.59 -16.21 -18.36
CA ALA H 129 -7.21 -14.86 -18.83
C ALA H 129 -7.95 -14.44 -20.12
N LEU H 130 -8.15 -15.37 -21.07
CA LEU H 130 -8.85 -15.05 -22.31
C LEU H 130 -10.35 -14.86 -22.05
N ALA H 131 -10.97 -15.78 -21.28
CA ALA H 131 -12.40 -15.73 -20.94
C ALA H 131 -12.73 -14.48 -20.14
N ASN H 132 -11.82 -14.07 -19.23
CA ASN H 132 -12.02 -12.87 -18.43
C ASN H 132 -11.91 -11.61 -19.27
N ARG H 133 -11.04 -11.63 -20.29
CA ARG H 133 -10.85 -10.50 -21.21
C ARG H 133 -12.12 -10.30 -22.05
N LYS H 134 -12.70 -11.38 -22.56
CA LYS H 134 -13.91 -11.34 -23.38
C LYS H 134 -15.10 -10.89 -22.51
N ARG H 135 -15.15 -11.36 -21.23
CA ARG H 135 -16.15 -10.98 -20.23
C ARG H 135 -16.06 -9.47 -19.95
N GLU H 136 -14.83 -8.95 -19.83
CA GLU H 136 -14.64 -7.51 -19.59
C GLU H 136 -15.06 -6.68 -20.80
N CYS H 137 -14.90 -7.23 -22.02
CA CYS H 137 -15.30 -6.59 -23.27
C CYS H 137 -16.83 -6.52 -23.31
N GLY H 138 -17.49 -7.66 -23.09
CA GLY H 138 -18.93 -7.76 -23.03
C GLY H 138 -19.54 -6.81 -22.02
N ASN H 139 -18.90 -6.69 -20.82
CA ASN H 139 -19.34 -5.78 -19.77
C ASN H 139 -19.31 -4.34 -20.24
N ALA H 140 -18.25 -3.92 -20.96
CA ALA H 140 -18.09 -2.57 -21.49
C ALA H 140 -19.21 -2.22 -22.50
N HIS H 141 -19.60 -3.16 -23.40
CA HIS H 141 -20.69 -3.00 -24.38
C HIS H 141 -22.03 -2.93 -23.66
N TYR H 142 -22.20 -3.75 -22.61
CA TYR H 142 -23.44 -3.81 -21.83
C TYR H 142 -23.72 -2.49 -21.14
N GLN H 143 -22.70 -1.88 -20.47
CA GLN H 143 -22.84 -0.59 -19.77
C GLN H 143 -23.36 0.54 -20.70
N ARG H 144 -22.92 0.52 -21.99
CA ARG H 144 -23.20 1.43 -23.09
C ARG H 144 -24.54 1.13 -23.80
N ALA H 145 -25.20 0.00 -23.41
CA ALA H 145 -26.47 -0.54 -23.89
C ALA H 145 -26.36 -1.13 -25.33
N ASP H 146 -25.18 -1.68 -25.64
CA ASP H 146 -24.95 -2.39 -26.89
C ASP H 146 -25.05 -3.85 -26.52
N PHE H 147 -26.27 -4.36 -26.52
CA PHE H 147 -26.59 -5.71 -26.06
C PHE H 147 -26.30 -6.75 -27.11
N VAL H 148 -26.29 -6.37 -28.40
CA VAL H 148 -25.93 -7.29 -29.49
C VAL H 148 -24.42 -7.64 -29.37
N LEU H 149 -23.57 -6.62 -29.12
CA LEU H 149 -22.12 -6.80 -28.98
C LEU H 149 -21.76 -7.44 -27.63
N ALA H 150 -22.44 -7.01 -26.54
CA ALA H 150 -22.27 -7.60 -25.20
C ALA H 150 -22.51 -9.11 -25.26
N ALA H 151 -23.66 -9.53 -25.86
CA ALA H 151 -24.01 -10.95 -26.01
C ALA H 151 -22.95 -11.72 -26.80
N ASN H 152 -22.37 -11.09 -27.84
CA ASN H 152 -21.38 -11.71 -28.69
C ASN H 152 -20.10 -12.01 -27.89
N SER H 153 -19.59 -11.01 -27.11
CA SER H 153 -18.41 -11.14 -26.26
C SER H 153 -18.61 -12.20 -25.18
N TYR H 154 -19.84 -12.31 -24.62
CA TYR H 154 -20.11 -13.33 -23.60
C TYR H 154 -20.13 -14.74 -24.21
N ASP H 155 -20.65 -14.91 -25.45
CA ASP H 155 -20.67 -16.22 -26.11
C ASP H 155 -19.24 -16.64 -26.49
N LEU H 156 -18.36 -15.66 -26.80
CA LEU H 156 -16.95 -15.92 -27.12
C LEU H 156 -16.20 -16.33 -25.85
N ALA H 157 -16.56 -15.68 -24.70
CA ALA H 157 -16.00 -15.98 -23.38
C ALA H 157 -16.34 -17.42 -22.97
N ILE H 158 -17.58 -17.88 -23.29
CA ILE H 158 -18.05 -19.24 -23.00
C ILE H 158 -17.33 -20.26 -23.91
N LYS H 159 -17.26 -19.98 -25.24
CA LYS H 159 -16.59 -20.84 -26.23
C LYS H 159 -15.12 -21.11 -25.87
N ALA H 160 -14.46 -20.09 -25.25
CA ALA H 160 -13.08 -20.13 -24.76
C ALA H 160 -12.94 -21.07 -23.56
N ILE H 161 -13.95 -21.10 -22.67
CA ILE H 161 -13.97 -21.95 -21.48
C ILE H 161 -14.23 -23.43 -21.84
N THR H 162 -15.24 -23.68 -22.68
CA THR H 162 -15.74 -25.01 -23.04
C THR H 162 -14.91 -25.77 -24.09
N SER H 163 -13.92 -25.13 -24.76
CA SER H 163 -13.10 -25.84 -25.75
C SER H 163 -11.82 -26.39 -25.08
N SER H 164 -12.01 -27.32 -24.12
CA SER H 164 -10.93 -27.89 -23.31
C SER H 164 -10.80 -29.43 -23.44
N ALA H 165 -11.34 -30.02 -24.52
CA ALA H 165 -11.32 -31.46 -24.78
C ALA H 165 -9.92 -32.06 -25.01
N LYS H 166 -8.89 -31.23 -25.33
CA LYS H 166 -7.54 -31.73 -25.65
C LYS H 166 -6.45 -31.28 -24.65
N VAL H 167 -6.82 -30.57 -23.56
CA VAL H 167 -5.87 -30.12 -22.56
C VAL H 167 -6.25 -30.66 -21.17
N ASP H 168 -5.25 -31.09 -20.39
CA ASP H 168 -5.42 -31.60 -19.03
C ASP H 168 -5.16 -30.48 -18.00
N MET H 169 -6.24 -29.95 -17.42
CA MET H 169 -6.22 -28.90 -16.40
C MET H 169 -6.38 -29.52 -15.03
N THR H 170 -5.99 -28.79 -13.98
CA THR H 170 -6.15 -29.28 -12.61
C THR H 170 -7.62 -29.13 -12.18
N PHE H 171 -8.02 -29.76 -11.04
CA PHE H 171 -9.39 -29.65 -10.54
C PHE H 171 -9.73 -28.19 -10.17
N GLU H 172 -8.75 -27.52 -9.54
CA GLU H 172 -8.82 -26.11 -9.11
C GLU H 172 -9.09 -25.19 -10.31
N GLU H 173 -8.51 -25.50 -11.47
CA GLU H 173 -8.66 -24.76 -12.73
C GLU H 173 -10.06 -24.99 -13.32
N GLU H 174 -10.53 -26.25 -13.32
CA GLU H 174 -11.86 -26.66 -13.81
C GLU H 174 -12.97 -25.92 -13.05
N ALA H 175 -12.89 -25.92 -11.70
CA ALA H 175 -13.85 -25.25 -10.82
C ALA H 175 -13.83 -23.72 -11.05
N GLN H 176 -12.61 -23.10 -11.14
CA GLN H 176 -12.42 -21.66 -11.40
C GLN H 176 -13.10 -21.26 -12.73
N LEU H 177 -12.98 -22.12 -13.75
CA LEU H 177 -13.54 -21.89 -15.06
C LEU H 177 -15.06 -22.12 -15.07
N LEU H 178 -15.58 -22.98 -14.16
CA LEU H 178 -17.00 -23.23 -14.00
C LEU H 178 -17.65 -22.01 -13.39
N GLN H 179 -16.97 -21.38 -12.41
CA GLN H 179 -17.41 -20.14 -11.76
C GLN H 179 -17.52 -18.99 -12.76
N LEU H 180 -16.59 -18.98 -13.74
CA LEU H 180 -16.51 -17.97 -14.78
C LEU H 180 -17.60 -18.18 -15.82
N LYS H 181 -17.87 -19.44 -16.18
CA LYS H 181 -18.88 -19.84 -17.15
C LYS H 181 -20.28 -19.40 -16.69
N VAL H 182 -20.60 -19.63 -15.39
CA VAL H 182 -21.88 -19.25 -14.77
C VAL H 182 -22.03 -17.71 -14.80
N LYS H 183 -20.94 -16.95 -14.51
CA LYS H 183 -20.97 -15.48 -14.57
C LYS H 183 -21.24 -15.01 -16.02
N CYS H 184 -20.60 -15.65 -17.01
CA CYS H 184 -20.76 -15.32 -18.43
C CYS H 184 -22.15 -15.65 -18.94
N LEU H 185 -22.72 -16.83 -18.53
CA LEU H 185 -24.06 -17.27 -18.92
C LEU H 185 -25.14 -16.35 -18.33
N ASN H 186 -24.91 -15.84 -17.11
CA ASN H 186 -25.77 -14.90 -16.37
C ASN H 186 -25.76 -13.56 -17.07
N ASN H 187 -24.57 -13.15 -17.53
CA ASN H 187 -24.33 -11.92 -18.28
C ASN H 187 -24.97 -12.00 -19.66
N LEU H 188 -24.92 -13.20 -20.28
CA LEU H 188 -25.51 -13.49 -21.57
C LEU H 188 -27.05 -13.39 -21.48
N ALA H 189 -27.67 -14.04 -20.46
CA ALA H 189 -29.12 -14.00 -20.22
C ALA H 189 -29.59 -12.55 -20.05
N ALA H 190 -28.85 -11.75 -19.25
CA ALA H 190 -29.12 -10.33 -19.02
C ALA H 190 -29.15 -9.55 -20.34
N SER H 191 -28.20 -9.84 -21.26
CA SER H 191 -28.08 -9.23 -22.58
C SER H 191 -29.22 -9.69 -23.49
N GLN H 192 -29.50 -11.01 -23.53
CA GLN H 192 -30.55 -11.67 -24.33
C GLN H 192 -31.95 -11.15 -23.95
N LEU H 193 -32.18 -10.95 -22.64
CA LEU H 193 -33.43 -10.43 -22.08
C LEU H 193 -33.67 -8.99 -22.62
N LYS H 194 -32.63 -8.12 -22.61
CA LYS H 194 -32.69 -6.74 -23.14
C LYS H 194 -33.01 -6.69 -24.64
N LEU H 195 -32.74 -7.79 -25.37
CA LEU H 195 -33.00 -7.93 -26.81
C LEU H 195 -34.29 -8.69 -27.07
N ASP H 196 -35.08 -8.91 -26.00
CA ASP H 196 -36.34 -9.65 -26.00
C ASP H 196 -36.15 -11.07 -26.59
N HIS H 197 -34.91 -11.62 -26.52
CA HIS H 197 -34.59 -12.99 -26.96
C HIS H 197 -34.86 -13.91 -25.75
N TYR H 198 -36.16 -13.98 -25.38
CA TYR H 198 -36.73 -14.66 -24.22
C TYR H 198 -36.42 -16.15 -24.17
N ARG H 199 -36.58 -16.88 -25.30
CA ARG H 199 -36.32 -18.33 -25.36
C ARG H 199 -34.85 -18.64 -25.06
N ALA H 200 -33.94 -17.81 -25.59
CA ALA H 200 -32.49 -17.92 -25.43
C ALA H 200 -32.06 -17.56 -24.01
N ALA H 201 -32.59 -16.44 -23.47
CA ALA H 201 -32.30 -15.95 -22.12
C ALA H 201 -32.73 -16.98 -21.08
N LEU H 202 -33.88 -17.64 -21.32
CA LEU H 202 -34.42 -18.69 -20.48
C LEU H 202 -33.46 -19.86 -20.39
N ARG H 203 -32.85 -20.28 -21.54
CA ARG H 203 -31.86 -21.36 -21.62
C ARG H 203 -30.63 -21.02 -20.77
N SER H 204 -30.09 -19.79 -20.91
CA SER H 204 -28.93 -19.32 -20.15
C SER H 204 -29.26 -19.21 -18.67
N CYS H 205 -30.48 -18.76 -18.32
CA CYS H 205 -30.97 -18.65 -16.93
C CYS H 205 -31.04 -20.05 -16.30
N SER H 206 -31.66 -21.01 -17.02
CA SER H 206 -31.82 -22.39 -16.57
C SER H 206 -30.49 -23.13 -16.43
N LEU H 207 -29.48 -22.82 -17.28
CA LEU H 207 -28.15 -23.43 -17.21
C LEU H 207 -27.42 -22.92 -15.97
N VAL H 208 -27.55 -21.61 -15.65
CA VAL H 208 -26.95 -21.02 -14.46
C VAL H 208 -27.55 -21.65 -13.21
N LEU H 209 -28.89 -21.81 -13.18
CA LEU H 209 -29.61 -22.35 -12.02
C LEU H 209 -29.37 -23.85 -11.82
N GLU H 210 -28.89 -24.55 -12.87
CA GLU H 210 -28.54 -25.96 -12.76
C GLU H 210 -27.24 -26.09 -11.95
N HIS H 211 -26.35 -25.07 -12.02
CA HIS H 211 -25.09 -25.06 -11.28
C HIS H 211 -25.26 -24.37 -9.95
N GLN H 212 -26.00 -23.26 -9.94
CA GLN H 212 -26.24 -22.45 -8.74
C GLN H 212 -27.75 -22.18 -8.59
N PRO H 213 -28.51 -23.09 -7.93
CA PRO H 213 -29.98 -22.88 -7.79
C PRO H 213 -30.41 -21.70 -6.92
N ASP H 214 -29.50 -21.09 -6.13
CA ASP H 214 -29.83 -19.93 -5.28
C ASP H 214 -29.14 -18.64 -5.81
N ASN H 215 -28.92 -18.57 -7.14
CA ASN H 215 -28.34 -17.39 -7.79
C ASN H 215 -29.47 -16.40 -7.96
N ILE H 216 -29.45 -15.31 -7.17
CA ILE H 216 -30.51 -14.31 -7.13
C ILE H 216 -30.68 -13.62 -8.50
N LYS H 217 -29.58 -13.31 -9.21
CA LYS H 217 -29.62 -12.66 -10.52
C LYS H 217 -30.30 -13.54 -11.55
N ALA H 218 -29.93 -14.84 -11.61
CA ALA H 218 -30.53 -15.79 -12.55
C ALA H 218 -32.00 -16.05 -12.23
N LEU H 219 -32.38 -16.04 -10.93
CA LEU H 219 -33.76 -16.23 -10.51
C LEU H 219 -34.60 -15.02 -10.94
N PHE H 220 -34.11 -13.80 -10.63
CA PHE H 220 -34.80 -12.56 -10.99
C PHE H 220 -34.96 -12.44 -12.51
N ARG H 221 -33.91 -12.78 -13.29
CA ARG H 221 -33.93 -12.68 -14.75
C ARG H 221 -34.87 -13.74 -15.34
N LYS H 222 -34.93 -14.95 -14.75
CA LYS H 222 -35.85 -15.99 -15.25
C LYS H 222 -37.30 -15.57 -14.98
N GLY H 223 -37.52 -14.97 -13.81
CA GLY H 223 -38.81 -14.45 -13.35
C GLY H 223 -39.32 -13.32 -14.22
N LYS H 224 -38.43 -12.34 -14.50
CA LYS H 224 -38.69 -11.18 -15.35
C LYS H 224 -38.98 -11.62 -16.81
N VAL H 225 -38.30 -12.68 -17.32
CA VAL H 225 -38.50 -13.21 -18.67
C VAL H 225 -39.86 -13.91 -18.73
N LEU H 226 -40.17 -14.78 -17.76
CA LEU H 226 -41.44 -15.47 -17.75
C LEU H 226 -42.61 -14.48 -17.53
N ALA H 227 -42.39 -13.36 -16.79
CA ALA H 227 -43.39 -12.29 -16.59
C ALA H 227 -43.66 -11.55 -17.90
N GLN H 228 -42.59 -11.22 -18.66
CA GLN H 228 -42.69 -10.50 -19.93
C GLN H 228 -43.29 -11.40 -21.03
N GLN H 229 -43.17 -12.74 -20.88
CA GLN H 229 -43.75 -13.73 -21.79
C GLN H 229 -45.25 -13.91 -21.52
N GLY H 230 -45.68 -13.54 -20.31
CA GLY H 230 -47.07 -13.66 -19.87
C GLY H 230 -47.36 -14.87 -18.99
N GLU H 231 -46.29 -15.61 -18.60
CA GLU H 231 -46.36 -16.79 -17.73
C GLU H 231 -46.27 -16.33 -16.27
N TYR H 232 -47.30 -15.58 -15.81
CA TYR H 232 -47.41 -14.98 -14.47
C TYR H 232 -47.45 -16.04 -13.37
N SER H 233 -48.14 -17.17 -13.64
CA SER H 233 -48.30 -18.31 -12.73
C SER H 233 -46.96 -18.97 -12.41
N GLU H 234 -46.03 -19.00 -13.38
CA GLU H 234 -44.70 -19.57 -13.20
C GLU H 234 -43.70 -18.55 -12.70
N ALA H 235 -43.90 -17.25 -13.00
CA ALA H 235 -42.99 -16.15 -12.63
C ALA H 235 -43.02 -15.78 -11.16
N ILE H 236 -44.22 -15.73 -10.53
CA ILE H 236 -44.41 -15.30 -9.14
C ILE H 236 -43.63 -16.21 -8.13
N PRO H 237 -43.66 -17.58 -8.16
CA PRO H 237 -42.87 -18.32 -7.16
C PRO H 237 -41.35 -18.11 -7.34
N ILE H 238 -40.87 -17.97 -8.59
CA ILE H 238 -39.46 -17.74 -8.91
C ILE H 238 -39.05 -16.33 -8.40
N LEU H 239 -39.86 -15.28 -8.69
CA LEU H 239 -39.57 -13.93 -8.20
C LEU H 239 -39.67 -13.84 -6.67
N ARG H 240 -40.50 -14.72 -6.06
CA ARG H 240 -40.64 -14.78 -4.60
C ARG H 240 -39.42 -15.49 -4.00
N ALA H 241 -38.95 -16.59 -4.66
CA ALA H 241 -37.75 -17.34 -4.25
C ALA H 241 -36.53 -16.43 -4.20
N ALA H 242 -36.45 -15.45 -5.12
CA ALA H 242 -35.39 -14.44 -5.19
C ALA H 242 -35.53 -13.44 -4.04
N LEU H 243 -36.79 -13.03 -3.73
CA LEU H 243 -37.09 -12.09 -2.64
C LEU H 243 -36.80 -12.74 -1.28
N LYS H 244 -36.97 -14.08 -1.19
CA LYS H 244 -36.68 -14.85 0.02
C LYS H 244 -35.18 -14.74 0.41
N LEU H 245 -34.29 -14.54 -0.58
CA LEU H 245 -32.84 -14.41 -0.39
C LEU H 245 -32.45 -12.97 -0.03
N GLU H 246 -33.23 -11.96 -0.50
CA GLU H 246 -33.03 -10.53 -0.22
C GLU H 246 -34.41 -9.85 -0.06
N PRO H 247 -35.02 -9.93 1.15
CA PRO H 247 -36.38 -9.38 1.33
C PRO H 247 -36.48 -7.85 1.23
N SER H 248 -35.41 -7.10 1.52
CA SER H 248 -35.41 -5.63 1.48
C SER H 248 -35.18 -5.05 0.07
N ASN H 249 -34.77 -5.89 -0.91
CA ASN H 249 -34.48 -5.49 -2.30
C ASN H 249 -35.69 -4.86 -3.01
N LYS H 250 -35.59 -3.54 -3.24
CA LYS H 250 -36.59 -2.69 -3.88
C LYS H 250 -36.91 -3.11 -5.33
N THR H 251 -35.92 -3.56 -6.10
CA THR H 251 -36.08 -3.97 -7.50
C THR H 251 -36.96 -5.23 -7.61
N ILE H 252 -36.76 -6.23 -6.73
CA ILE H 252 -37.55 -7.47 -6.73
C ILE H 252 -39.01 -7.16 -6.32
N HIS H 253 -39.21 -6.23 -5.37
CA HIS H 253 -40.53 -5.79 -4.90
C HIS H 253 -41.31 -5.14 -6.03
N ALA H 254 -40.67 -4.17 -6.70
CA ALA H 254 -41.18 -3.39 -7.83
C ALA H 254 -41.56 -4.30 -9.00
N GLU H 255 -40.78 -5.38 -9.20
CA GLU H 255 -41.03 -6.36 -10.26
C GLU H 255 -42.23 -7.21 -9.89
N LEU H 256 -42.36 -7.62 -8.61
CA LEU H 256 -43.49 -8.44 -8.14
C LEU H 256 -44.79 -7.67 -8.18
N SER H 257 -44.76 -6.42 -7.66
CA SER H 257 -45.89 -5.52 -7.60
C SER H 257 -46.46 -5.23 -9.00
N LYS H 258 -45.56 -4.97 -9.98
CA LYS H 258 -45.87 -4.71 -11.39
C LYS H 258 -46.57 -5.91 -12.01
N LEU H 259 -46.05 -7.12 -11.73
CA LEU H 259 -46.53 -8.41 -12.20
C LEU H 259 -47.92 -8.73 -11.63
N VAL H 260 -48.12 -8.56 -10.29
CA VAL H 260 -49.40 -8.88 -9.65
C VAL H 260 -50.51 -7.90 -10.12
N LYS H 261 -50.19 -6.59 -10.27
CA LYS H 261 -51.13 -5.56 -10.72
C LYS H 261 -51.59 -5.83 -12.15
N LYS H 262 -50.65 -6.20 -13.05
CA LYS H 262 -50.92 -6.53 -14.46
C LYS H 262 -51.71 -7.83 -14.58
N HIS H 263 -51.46 -8.79 -13.64
CA HIS H 263 -52.13 -10.09 -13.58
C HIS H 263 -53.62 -9.91 -13.22
N ALA H 264 -53.94 -8.81 -12.51
CA ALA H 264 -55.32 -8.44 -12.17
C ALA H 264 -55.95 -7.65 -13.35
N ALA H 265 -56.13 -8.33 -14.51
CA ALA H 265 -56.71 -7.81 -15.74
C ALA H 265 -57.29 -8.96 -16.59
N GLN H 266 -58.62 -8.96 -16.80
CA GLN H 266 -59.34 -9.99 -17.57
C GLN H 266 -59.91 -9.42 -18.87
#